data_3VS6
#
_entry.id   3VS6
#
_cell.length_a   74.613
_cell.length_b   96.392
_cell.length_c   182.125
_cell.angle_alpha   90.00
_cell.angle_beta   90.00
_cell.angle_gamma   90.00
#
_symmetry.space_group_name_H-M   'P 21 21 21'
#
loop_
_entity.id
_entity.type
_entity.pdbx_description
1 polymer 'Tyrosine-protein kinase HCK'
2 non-polymer 'CALCIUM ION'
3 non-polymer 'CHLORIDE ION'
4 non-polymer 'tert-butyl {4-[4-amino-1-(propan-2-yl)-1H-pyrazolo[3,4-d]pyrimidin-3-yl]-2-methoxyphenyl}carbamate'
5 water water
#
_entity_poly.entity_id   1
_entity_poly.type   'polypeptide(L)'
_entity_poly.pdbx_seq_one_letter_code
;GAMGSGIRIIVVALYDYEAIHHEDLSFQKGDQMVVLEESGEWWKARSLATRKEGYIPSNYVARVDSLETEEWFFKGISRK
DAERQLLAPGNMLGSFMIRDSETTKGSYSLSVRDYDPRQGDTVKHYKIRTLDNGGFYISPRSTFSTLQELVDHYKKGNDG
LCQKLSVPCMSSKPQKPWEKDAWEIPRESLKLEKKLGAGQFGEVWMATYNKHTKVAVKTMKPGSMSVEAFLAEANVMKTL
QHDKLVKLHAVVTKEPIYIITEFMAKGSLLDFLKSDEGSKQPLPKLIDFSAQIAEGMAFIEQRNYIHRDLRAANILVSAS
LVCKIADFGLARVIEDNEYTAREGAKFPIKWTAPEAINFGSFTIKSDVWSFGILLMEIVTYGRIPYPGMSNPEVIRALER
GYRMPRPENCPEELYNIMMRCWKNRPEERPTFEYIQSVLDDFYTATESQ(PTR)EEIP
;
_entity_poly.pdbx_strand_id   A,B
#
# COMPACT_ATOMS: atom_id res chain seq x y z
N ARG A 8 -19.66 5.94 43.71
CA ARG A 8 -19.70 7.39 43.58
C ARG A 8 -18.68 7.87 42.54
N ILE A 9 -19.15 8.12 41.31
CA ILE A 9 -18.26 8.55 40.23
C ILE A 9 -18.17 10.08 40.15
N ILE A 10 -16.94 10.59 40.25
CA ILE A 10 -16.71 12.03 40.09
C ILE A 10 -15.93 12.32 38.79
N VAL A 11 -16.48 13.21 37.97
CA VAL A 11 -15.83 13.64 36.73
C VAL A 11 -15.47 15.13 36.80
N VAL A 12 -14.65 15.59 35.86
CA VAL A 12 -14.25 16.99 35.79
C VAL A 12 -14.44 17.52 34.37
N ALA A 13 -14.75 18.80 34.24
CA ALA A 13 -15.03 19.40 32.93
C ALA A 13 -13.75 19.76 32.20
N LEU A 14 -13.65 19.37 30.94
CA LEU A 14 -12.48 19.62 30.12
C LEU A 14 -12.62 20.96 29.41
N TYR A 15 -13.86 21.38 29.19
CA TYR A 15 -14.15 22.66 28.54
C TYR A 15 -15.30 23.40 29.22
N ASP A 16 -15.47 24.68 28.88
CA ASP A 16 -16.64 25.42 29.29
C ASP A 16 -17.86 24.98 28.47
N TYR A 17 -19.02 24.99 29.10
CA TYR A 17 -20.27 24.72 28.39
C TYR A 17 -21.37 25.60 28.94
N GLU A 18 -22.21 26.10 28.05
CA GLU A 18 -23.29 27.00 28.41
C GLU A 18 -24.61 26.35 27.99
N ALA A 19 -25.50 26.14 28.95
CA ALA A 19 -26.78 25.48 28.68
C ALA A 19 -27.60 26.27 27.66
N ILE A 20 -28.30 25.55 26.79
CA ILE A 20 -29.16 26.15 25.76
C ILE A 20 -30.48 25.38 25.65
N HIS A 21 -30.59 24.29 26.41
CA HIS A 21 -31.82 23.52 26.45
C HIS A 21 -32.58 23.74 27.74
N HIS A 22 -33.60 22.93 27.99
CA HIS A 22 -34.44 23.11 29.17
C HIS A 22 -33.80 22.57 30.45
N GLU A 23 -33.18 21.40 30.36
CA GLU A 23 -32.69 20.70 31.54
C GLU A 23 -31.18 20.43 31.57
N ASP A 24 -30.44 20.97 30.60
CA ASP A 24 -28.99 20.83 30.65
C ASP A 24 -28.36 21.84 31.63
N LEU A 25 -27.16 21.52 32.10
CA LEU A 25 -26.46 22.36 33.07
C LEU A 25 -25.35 23.19 32.42
N SER A 26 -25.07 24.36 32.99
CA SER A 26 -23.95 25.18 32.57
C SER A 26 -22.79 24.92 33.52
N PHE A 27 -21.56 24.96 33.00
CA PHE A 27 -20.38 24.81 33.84
C PHE A 27 -19.11 25.41 33.25
N GLN A 28 -18.13 25.67 34.10
CA GLN A 28 -16.82 26.11 33.64
C GLN A 28 -15.87 24.93 33.56
N LYS A 29 -14.77 25.12 32.84
CA LYS A 29 -13.69 24.13 32.79
C LYS A 29 -13.00 24.04 34.16
N GLY A 30 -12.90 22.82 34.68
CA GLY A 30 -12.35 22.63 36.01
C GLY A 30 -13.40 22.18 37.02
N ASP A 31 -14.66 22.52 36.75
CA ASP A 31 -15.77 22.14 37.63
C ASP A 31 -15.87 20.62 37.80
N GLN A 32 -16.08 20.17 39.03
CA GLN A 32 -16.31 18.76 39.30
C GLN A 32 -17.79 18.48 39.49
N MET A 33 -18.22 17.31 39.02
CA MET A 33 -19.64 16.94 39.03
C MET A 33 -19.78 15.48 39.43
N VAL A 34 -20.93 15.14 40.01
CA VAL A 34 -21.22 13.76 40.41
C VAL A 34 -22.09 13.09 39.35
N VAL A 35 -21.61 12.00 38.77
CA VAL A 35 -22.38 11.27 37.77
C VAL A 35 -23.56 10.53 38.39
N LEU A 36 -24.77 10.87 37.95
CA LEU A 36 -25.99 10.24 38.45
C LEU A 36 -26.49 9.19 37.47
N GLU A 37 -26.17 9.38 36.19
CA GLU A 37 -26.68 8.50 35.14
C GLU A 37 -25.91 8.59 33.82
N GLU A 38 -25.27 7.49 33.44
CA GLU A 38 -24.61 7.40 32.14
C GLU A 38 -25.58 6.83 31.11
N SER A 39 -25.70 7.52 29.98
CA SER A 39 -26.68 7.13 28.96
C SER A 39 -26.38 7.80 27.61
N GLY A 40 -25.16 7.61 27.11
CA GLY A 40 -24.81 8.09 25.78
C GLY A 40 -24.20 9.48 25.72
N GLU A 41 -24.62 10.26 24.73
CA GLU A 41 -24.07 11.60 24.49
C GLU A 41 -24.42 12.57 25.61
N TRP A 42 -25.56 12.33 26.27
CA TRP A 42 -25.95 13.15 27.42
C TRP A 42 -25.94 12.33 28.71
N TRP A 43 -25.32 12.88 29.74
CA TRP A 43 -25.32 12.25 31.06
C TRP A 43 -26.05 13.11 32.06
N LYS A 44 -26.60 12.47 33.09
CA LYS A 44 -27.24 13.18 34.20
C LYS A 44 -26.22 13.30 35.33
N ALA A 45 -26.01 14.52 35.81
CA ALA A 45 -24.99 14.77 36.82
C ALA A 45 -25.41 15.84 37.83
N ARG A 46 -24.65 15.99 38.92
CA ARG A 46 -24.84 17.10 39.85
C ARG A 46 -23.57 17.92 39.98
N SER A 47 -23.67 19.21 39.65
CA SER A 47 -22.53 20.12 39.78
C SER A 47 -22.16 20.38 41.24
N LEU A 48 -20.92 20.07 41.60
CA LEU A 48 -20.45 20.31 42.97
C LEU A 48 -20.31 21.80 43.26
N ALA A 49 -20.29 22.62 42.21
CA ALA A 49 -20.17 24.06 42.36
C ALA A 49 -21.52 24.76 42.57
N THR A 50 -22.58 24.21 42.00
CA THR A 50 -23.91 24.83 42.07
C THR A 50 -24.96 23.91 42.69
N ARG A 51 -24.62 22.64 42.86
CA ARG A 51 -25.53 21.66 43.46
C ARG A 51 -26.80 21.39 42.62
N LYS A 52 -26.77 21.80 41.35
CA LYS A 52 -27.90 21.56 40.47
C LYS A 52 -27.81 20.21 39.77
N GLU A 53 -28.95 19.55 39.61
CA GLU A 53 -28.99 18.29 38.86
C GLU A 53 -29.48 18.58 37.45
N GLY A 54 -28.85 17.96 36.45
CA GLY A 54 -29.22 18.17 35.05
C GLY A 54 -28.40 17.38 34.05
N TYR A 55 -28.50 17.74 32.78
CA TYR A 55 -27.79 17.01 31.72
C TYR A 55 -26.50 17.70 31.27
N ILE A 56 -25.48 16.88 30.95
CA ILE A 56 -24.22 17.38 30.41
C ILE A 56 -23.79 16.50 29.24
N PRO A 57 -23.04 17.08 28.29
CA PRO A 57 -22.47 16.31 27.18
C PRO A 57 -21.39 15.37 27.71
N SER A 58 -21.51 14.07 27.46
CA SER A 58 -20.54 13.11 27.98
C SER A 58 -19.12 13.40 27.49
N ASN A 59 -19.01 13.97 26.29
CA ASN A 59 -17.70 14.26 25.70
C ASN A 59 -17.08 15.59 26.12
N TYR A 60 -17.63 16.21 27.18
CA TYR A 60 -17.06 17.46 27.72
C TYR A 60 -16.37 17.18 29.05
N VAL A 61 -16.51 15.94 29.53
CA VAL A 61 -15.97 15.55 30.83
C VAL A 61 -15.13 14.27 30.75
N ALA A 62 -14.40 13.99 31.83
CA ALA A 62 -13.65 12.74 31.98
C ALA A 62 -13.40 12.53 33.47
N ARG A 63 -13.26 11.28 33.90
CA ARG A 63 -13.00 10.98 35.30
C ARG A 63 -11.80 11.76 35.85
N VAL A 64 -11.90 12.16 37.12
CA VAL A 64 -10.91 13.05 37.75
C VAL A 64 -9.50 12.45 37.76
N ASP A 65 -8.52 13.29 37.45
CA ASP A 65 -7.11 12.90 37.46
C ASP A 65 -6.77 11.70 36.54
N SER A 66 -7.65 11.39 35.61
CA SER A 66 -7.38 10.40 34.56
C SER A 66 -6.53 11.07 33.48
N LEU A 67 -6.10 10.31 32.48
CA LEU A 67 -5.17 10.82 31.46
C LEU A 67 -5.75 11.97 30.62
N GLU A 68 -7.04 11.89 30.33
CA GLU A 68 -7.71 12.89 29.48
C GLU A 68 -7.80 14.26 30.12
N THR A 69 -7.63 14.31 31.45
CA THR A 69 -7.57 15.58 32.17
C THR A 69 -6.34 16.40 31.77
N GLU A 70 -5.28 15.73 31.32
CA GLU A 70 -4.03 16.43 30.99
C GLU A 70 -4.06 17.12 29.62
N GLU A 71 -3.48 18.32 29.58
CA GLU A 71 -3.50 19.18 28.39
C GLU A 71 -2.71 18.60 27.22
N TRP A 72 -1.66 17.87 27.53
CA TRP A 72 -0.80 17.25 26.53
C TRP A 72 -1.31 15.89 26.03
N PHE A 73 -2.43 15.41 26.57
CA PHE A 73 -2.97 14.11 26.14
C PHE A 73 -4.16 14.21 25.18
N PHE A 74 -4.14 13.33 24.17
CA PHE A 74 -5.14 13.33 23.10
C PHE A 74 -5.65 11.91 22.83
N LYS A 75 -6.93 11.68 23.08
CA LYS A 75 -7.54 10.35 22.98
C LYS A 75 -8.18 10.07 21.61
N GLY A 76 -7.90 8.89 21.06
CA GLY A 76 -8.50 8.49 19.80
C GLY A 76 -8.01 9.23 18.57
N ILE A 77 -6.75 9.66 18.61
CA ILE A 77 -6.14 10.37 17.49
C ILE A 77 -5.18 9.45 16.73
N SER A 78 -5.48 9.20 15.45
CA SER A 78 -4.58 8.43 14.59
C SER A 78 -3.27 9.20 14.35
N ARG A 79 -2.23 8.49 13.90
CA ARG A 79 -0.97 9.13 13.58
C ARG A 79 -1.19 10.28 12.58
N LYS A 80 -2.07 10.06 11.62
CA LYS A 80 -2.36 11.07 10.61
C LYS A 80 -3.18 12.24 11.16
N ASP A 81 -4.06 11.97 12.11
CA ASP A 81 -4.83 13.03 12.79
C ASP A 81 -3.87 13.91 13.60
N ALA A 82 -2.89 13.28 14.25
CA ALA A 82 -1.90 13.99 15.05
C ALA A 82 -1.09 14.97 14.20
N GLU A 83 -0.63 14.48 13.05
CA GLU A 83 0.10 15.30 12.09
C GLU A 83 -0.77 16.45 11.55
N ARG A 84 -2.03 16.17 11.24
CA ARG A 84 -2.93 17.26 10.79
C ARG A 84 -3.12 18.31 11.89
N GLN A 85 -3.33 17.82 13.11
CA GLN A 85 -3.57 18.70 14.26
C GLN A 85 -2.34 19.56 14.64
N LEU A 86 -1.15 18.96 14.58
CA LEU A 86 0.08 19.68 14.91
C LEU A 86 0.50 20.71 13.85
N LEU A 87 0.26 20.41 12.58
CA LEU A 87 0.62 21.31 11.49
C LEU A 87 -0.41 22.43 11.31
N ALA A 88 -1.43 22.44 12.15
CA ALA A 88 -2.45 23.49 12.14
C ALA A 88 -2.02 24.71 12.96
N PRO A 89 -2.22 25.91 12.39
CA PRO A 89 -1.96 27.26 12.94
C PRO A 89 -2.17 27.39 14.45
N GLY A 90 -1.30 28.14 15.11
CA GLY A 90 -1.35 28.30 16.56
C GLY A 90 -0.31 27.45 17.26
N ASN A 91 0.36 26.58 16.49
CA ASN A 91 1.41 25.73 17.03
C ASN A 91 2.79 26.14 16.50
N MET A 92 3.83 25.49 16.99
CA MET A 92 5.22 25.87 16.67
C MET A 92 6.17 24.70 16.89
N LEU A 93 7.48 24.97 16.88
CA LEU A 93 8.48 23.95 17.16
C LEU A 93 8.29 23.38 18.55
N GLY A 94 8.50 22.07 18.69
CA GLY A 94 8.36 21.41 19.98
C GLY A 94 6.92 21.23 20.41
N SER A 95 5.98 21.77 19.62
CA SER A 95 4.57 21.50 19.88
C SER A 95 4.40 19.99 19.86
N PHE A 96 3.77 19.46 20.91
CA PHE A 96 3.75 18.03 21.09
C PHE A 96 2.40 17.51 21.59
N MET A 97 2.28 16.19 21.62
CA MET A 97 1.10 15.52 22.16
C MET A 97 1.43 14.07 22.49
N ILE A 98 0.82 13.55 23.55
CA ILE A 98 0.86 12.13 23.81
C ILE A 98 -0.54 11.58 23.50
N ARG A 99 -0.58 10.42 22.86
CA ARG A 99 -1.83 9.85 22.33
C ARG A 99 -1.78 8.33 22.34
N ASP A 100 -2.94 7.67 22.18
CA ASP A 100 -2.99 6.22 22.12
C ASP A 100 -2.35 5.72 20.82
N SER A 101 -1.57 4.64 20.91
CA SER A 101 -0.94 4.08 19.71
C SER A 101 -2.02 3.50 18.79
N GLU A 102 -1.84 3.68 17.48
CA GLU A 102 -2.80 3.21 16.50
C GLU A 102 -2.44 1.78 16.10
N THR A 103 -1.15 1.47 16.13
CA THR A 103 -0.64 0.15 15.69
C THR A 103 -0.33 -0.81 16.84
N THR A 104 -0.14 -0.27 18.03
CA THR A 104 0.18 -1.09 19.21
C THR A 104 -0.86 -0.78 20.31
N LYS A 105 -2.01 -1.45 20.22
CA LYS A 105 -3.17 -1.08 21.04
C LYS A 105 -3.00 -1.37 22.53
N GLY A 106 -3.20 -0.34 23.35
CA GLY A 106 -2.95 -0.44 24.78
C GLY A 106 -1.75 0.41 25.16
N SER A 107 -1.04 0.92 24.14
CA SER A 107 0.18 1.68 24.36
C SER A 107 0.07 3.12 23.87
N TYR A 108 1.07 3.93 24.20
CA TYR A 108 1.02 5.36 23.87
C TYR A 108 2.12 5.77 22.90
N SER A 109 1.83 6.81 22.12
CA SER A 109 2.83 7.38 21.22
C SER A 109 2.97 8.90 21.42
N LEU A 110 4.16 9.41 21.11
CA LEU A 110 4.47 10.85 21.24
C LEU A 110 4.68 11.47 19.86
N SER A 111 4.04 12.60 19.60
CA SER A 111 4.18 13.30 18.32
C SER A 111 4.69 14.73 18.54
N VAL A 112 5.73 15.13 17.82
CA VAL A 112 6.37 16.43 18.03
C VAL A 112 6.56 17.21 16.73
N ARG A 113 6.29 18.52 16.77
CA ARG A 113 6.48 19.36 15.58
C ARG A 113 7.95 19.70 15.34
N ASP A 114 8.41 19.55 14.11
CA ASP A 114 9.83 19.66 13.78
C ASP A 114 10.05 20.52 12.53
N TYR A 115 11.31 20.83 12.24
CA TYR A 115 11.66 21.54 11.02
C TYR A 115 12.97 21.06 10.41
N ASP A 116 13.01 21.03 9.08
CA ASP A 116 14.24 20.92 8.31
C ASP A 116 14.00 21.62 6.97
N PRO A 117 15.03 22.29 6.43
CA PRO A 117 14.86 23.20 5.28
C PRO A 117 14.54 22.46 3.98
N ARG A 118 14.89 21.19 3.91
CA ARG A 118 14.63 20.36 2.73
C ARG A 118 13.14 20.02 2.61
N GLN A 119 12.45 20.00 3.75
CA GLN A 119 11.04 19.57 3.80
C GLN A 119 10.10 20.63 4.39
N GLY A 120 10.60 21.41 5.34
CA GLY A 120 9.77 22.40 6.02
C GLY A 120 9.31 21.92 7.38
N ASP A 121 8.18 22.45 7.86
CA ASP A 121 7.61 21.99 9.13
C ASP A 121 7.11 20.56 8.96
N THR A 122 7.36 19.73 9.96
CA THR A 122 6.95 18.32 9.92
C THR A 122 6.46 17.84 11.27
N VAL A 123 5.97 16.60 11.30
CA VAL A 123 5.65 15.95 12.57
C VAL A 123 6.42 14.64 12.61
N LYS A 124 7.09 14.38 13.73
CA LYS A 124 7.78 13.11 13.93
C LYS A 124 7.03 12.33 14.99
N HIS A 125 7.16 11.00 14.97
CA HIS A 125 6.45 10.16 15.94
C HIS A 125 7.37 9.17 16.67
N TYR A 126 7.16 9.04 17.98
CA TYR A 126 7.92 8.09 18.78
C TYR A 126 6.99 7.13 19.50
N LYS A 127 7.32 5.84 19.48
CA LYS A 127 6.58 4.85 20.25
C LYS A 127 7.05 4.87 21.70
N ILE A 128 6.12 5.06 22.63
CA ILE A 128 6.42 4.95 24.06
C ILE A 128 6.16 3.52 24.52
N ARG A 129 7.23 2.81 24.89
CA ARG A 129 7.11 1.42 25.32
C ARG A 129 6.73 1.37 26.79
N THR A 130 5.62 0.71 27.09
CA THR A 130 5.21 0.47 28.46
C THR A 130 6.15 -0.58 29.05
N LEU A 131 6.65 -0.32 30.25
CA LEU A 131 7.51 -1.28 30.93
C LEU A 131 6.70 -2.48 31.42
N ASP A 132 7.28 -3.27 32.32
CA ASP A 132 6.57 -4.38 32.93
C ASP A 132 6.37 -4.04 34.41
N ASN A 133 7.26 -3.21 34.92
CA ASN A 133 7.15 -2.67 36.27
C ASN A 133 6.09 -1.57 36.33
N GLY A 134 5.74 -1.04 35.16
CA GLY A 134 4.75 0.02 35.08
C GLY A 134 5.36 1.37 34.78
N GLY A 135 6.49 1.37 34.06
CA GLY A 135 7.14 2.60 33.68
C GLY A 135 7.06 2.81 32.18
N PHE A 136 7.58 3.93 31.71
CA PHE A 136 7.55 4.24 30.28
C PHE A 136 8.92 4.68 29.79
N TYR A 137 9.21 4.37 28.53
CA TYR A 137 10.46 4.81 27.91
C TYR A 137 10.33 4.90 26.40
N ILE A 138 11.10 5.83 25.83
CA ILE A 138 11.28 5.92 24.38
C ILE A 138 12.68 5.36 24.10
N SER A 139 13.62 5.74 24.96
CA SER A 139 14.99 5.23 24.92
C SER A 139 15.23 4.37 26.16
N PRO A 140 15.76 3.15 25.98
CA PRO A 140 16.03 2.25 27.10
C PRO A 140 16.96 2.87 28.14
N ARG A 141 17.85 3.76 27.70
CA ARG A 141 18.75 4.51 28.59
C ARG A 141 17.97 5.33 29.62
N SER A 142 16.76 5.74 29.28
CA SER A 142 15.98 6.64 30.13
C SER A 142 14.56 6.13 30.38
N THR A 143 14.25 5.92 31.67
CA THR A 143 12.97 5.35 32.08
C THR A 143 12.28 6.30 33.05
N PHE A 144 10.95 6.38 32.97
CA PHE A 144 10.20 7.27 33.87
C PHE A 144 9.02 6.55 34.53
N SER A 145 8.62 7.04 35.70
CA SER A 145 7.52 6.43 36.45
C SER A 145 6.15 6.85 35.90
N THR A 146 6.00 8.15 35.63
CA THR A 146 4.77 8.65 35.02
C THR A 146 5.01 9.30 33.65
N LEU A 147 3.95 9.34 32.85
CA LEU A 147 4.01 10.02 31.57
C LEU A 147 4.35 11.50 31.74
N GLN A 148 3.95 12.06 32.88
CA GLN A 148 4.28 13.45 33.19
C GLN A 148 5.78 13.61 33.41
N GLU A 149 6.39 12.62 34.07
CA GLU A 149 7.85 12.59 34.24
C GLU A 149 8.53 12.54 32.88
N LEU A 150 8.08 11.63 32.03
CA LEU A 150 8.52 11.56 30.63
C LEU A 150 8.49 12.95 30.02
N VAL A 151 7.30 13.55 30.02
CA VAL A 151 7.08 14.86 29.42
C VAL A 151 8.00 15.94 29.97
N ASP A 152 8.07 16.03 31.30
CA ASP A 152 8.91 17.04 31.97
C ASP A 152 10.38 16.94 31.56
N HIS A 153 10.89 15.71 31.46
CA HIS A 153 12.26 15.48 31.04
C HIS A 153 12.57 16.06 29.64
N TYR A 154 11.93 15.53 28.61
CA TYR A 154 12.21 15.97 27.23
C TYR A 154 11.81 17.43 26.98
N LYS A 155 11.20 18.03 27.99
CA LYS A 155 10.85 19.44 27.95
C LYS A 155 12.07 20.32 28.31
N LYS A 156 13.06 19.73 28.97
CA LYS A 156 14.24 20.49 29.37
C LYS A 156 15.47 20.18 28.51
N GLY A 157 15.26 19.50 27.39
CA GLY A 157 16.35 19.14 26.50
C GLY A 157 15.97 18.02 25.53
N ASN A 158 16.58 18.04 24.34
CA ASN A 158 16.26 17.08 23.30
C ASN A 158 16.53 15.64 23.72
N ASP A 159 17.67 15.42 24.36
CA ASP A 159 18.08 14.11 24.87
C ASP A 159 17.88 12.99 23.84
N GLY A 160 18.07 13.32 22.56
CA GLY A 160 17.97 12.33 21.51
C GLY A 160 16.77 12.48 20.58
N LEU A 161 15.82 13.34 20.95
CA LEU A 161 14.66 13.62 20.09
C LEU A 161 15.04 14.58 18.96
N CYS A 162 14.08 14.91 18.11
CA CYS A 162 14.29 15.90 17.05
C CYS A 162 14.17 17.33 17.59
N GLN A 163 13.31 17.51 18.60
CA GLN A 163 13.10 18.82 19.21
C GLN A 163 12.96 18.69 20.72
N LYS A 164 13.22 19.79 21.43
CA LYS A 164 12.89 19.87 22.85
C LYS A 164 11.40 20.17 22.90
N LEU A 165 10.67 19.54 23.81
CA LEU A 165 9.23 19.78 23.90
C LEU A 165 8.95 21.21 24.37
N SER A 166 8.15 21.93 23.58
CA SER A 166 7.69 23.27 23.96
C SER A 166 6.29 23.24 24.59
N VAL A 167 5.27 23.56 23.80
CA VAL A 167 3.90 23.73 24.28
C VAL A 167 3.02 22.59 23.76
N PRO A 168 2.12 22.06 24.62
CA PRO A 168 1.12 21.06 24.20
C PRO A 168 0.34 21.52 22.96
N CYS A 169 -0.03 20.59 22.07
CA CYS A 169 -0.77 20.95 20.86
C CYS A 169 -2.06 21.72 21.13
N MET A 170 -2.40 22.62 20.21
CA MET A 170 -3.68 23.35 20.26
C MET A 170 -4.85 22.37 20.20
N SER A 171 -5.88 22.64 21.01
CA SER A 171 -7.10 21.85 20.97
C SER A 171 -8.30 22.79 20.78
N SER A 172 -9.36 22.27 20.17
CA SER A 172 -10.61 23.02 20.08
C SER A 172 -11.73 22.28 20.81
N LYS A 173 -12.72 23.02 21.30
CA LYS A 173 -13.90 22.42 21.91
C LYS A 173 -14.60 21.58 20.86
N PRO A 174 -15.07 20.38 21.24
CA PRO A 174 -15.79 19.51 20.31
C PRO A 174 -17.17 20.07 20.00
N GLN A 175 -17.86 19.49 19.02
CA GLN A 175 -19.22 19.90 18.71
C GLN A 175 -20.14 19.47 19.87
N LYS A 176 -21.00 20.37 20.33
CA LYS A 176 -22.02 20.00 21.29
C LYS A 176 -23.01 19.05 20.62
N PRO A 177 -23.40 17.96 21.31
CA PRO A 177 -24.27 16.95 20.70
C PRO A 177 -25.71 17.44 20.48
N TRP A 178 -26.41 16.79 19.56
CA TRP A 178 -27.80 17.15 19.25
C TRP A 178 -28.67 16.90 20.47
N GLU A 179 -29.77 17.65 20.59
CA GLU A 179 -30.76 17.48 21.65
C GLU A 179 -31.19 16.02 21.80
N LYS A 180 -31.36 15.57 23.04
CA LYS A 180 -31.75 14.20 23.34
C LYS A 180 -33.12 13.84 22.74
N ASP A 181 -33.17 12.68 22.09
CA ASP A 181 -34.39 12.16 21.45
C ASP A 181 -35.12 13.21 20.61
N ALA A 182 -34.40 13.77 19.64
CA ALA A 182 -34.95 14.77 18.73
C ALA A 182 -34.60 14.41 17.28
N TRP A 183 -34.79 13.14 16.94
CA TRP A 183 -34.57 12.62 15.59
C TRP A 183 -35.62 13.17 14.63
N GLU A 184 -36.89 12.91 14.96
CA GLU A 184 -37.99 13.52 14.22
C GLU A 184 -38.41 14.80 14.93
N ILE A 185 -38.45 15.90 14.17
CA ILE A 185 -38.78 17.21 14.72
C ILE A 185 -39.93 17.85 13.91
N PRO A 186 -40.68 18.78 14.52
CA PRO A 186 -41.75 19.48 13.79
C PRO A 186 -41.20 20.73 13.12
N ARG A 187 -41.70 21.06 11.92
CA ARG A 187 -41.17 22.18 11.15
C ARG A 187 -41.00 23.48 11.94
N GLU A 188 -41.91 23.72 12.89
CA GLU A 188 -41.90 24.92 13.74
C GLU A 188 -40.55 25.21 14.40
N SER A 189 -39.77 24.16 14.65
CA SER A 189 -38.45 24.32 15.28
C SER A 189 -37.44 25.06 14.39
N LEU A 190 -37.72 25.10 13.08
CA LEU A 190 -36.77 25.64 12.10
C LEU A 190 -37.11 27.05 11.62
N LYS A 191 -36.09 27.91 11.53
CA LYS A 191 -36.16 29.17 10.81
C LYS A 191 -35.15 29.13 9.66
N LEU A 192 -35.63 28.96 8.43
CA LEU A 192 -34.75 28.89 7.28
C LEU A 192 -34.38 30.31 6.81
N GLU A 193 -33.17 30.75 7.16
CA GLU A 193 -32.78 32.15 7.04
C GLU A 193 -32.14 32.57 5.70
N LYS A 194 -31.47 31.65 5.00
CA LYS A 194 -30.84 32.02 3.72
C LYS A 194 -30.63 30.84 2.78
N LYS A 195 -31.07 31.00 1.55
CA LYS A 195 -30.92 29.93 0.55
C LYS A 195 -29.48 29.91 0.04
N LEU A 196 -28.89 28.72 -0.01
CA LEU A 196 -27.50 28.55 -0.41
C LEU A 196 -27.43 27.89 -1.77
N GLY A 197 -28.46 27.12 -2.12
CA GLY A 197 -28.45 26.37 -3.36
C GLY A 197 -29.84 25.90 -3.73
N ALA A 198 -30.12 25.84 -5.03
CA ALA A 198 -31.40 25.38 -5.53
C ALA A 198 -31.19 24.51 -6.75
N GLY A 199 -31.94 23.41 -6.85
CA GLY A 199 -31.74 22.48 -7.94
C GLY A 199 -33.01 21.80 -8.40
N GLN A 200 -32.84 20.82 -9.28
CA GLN A 200 -33.92 20.04 -9.84
C GLN A 200 -34.75 19.32 -8.77
N PHE A 201 -34.14 19.03 -7.63
CA PHE A 201 -34.80 18.21 -6.61
C PHE A 201 -35.14 18.95 -5.31
N GLY A 202 -34.65 20.18 -5.17
CA GLY A 202 -34.96 20.98 -4.00
C GLY A 202 -33.95 22.08 -3.69
N GLU A 203 -33.92 22.54 -2.45
CA GLU A 203 -33.01 23.61 -2.06
C GLU A 203 -32.18 23.27 -0.84
N VAL A 204 -31.14 24.07 -0.60
CA VAL A 204 -30.34 23.97 0.62
C VAL A 204 -30.35 25.34 1.31
N TRP A 205 -30.66 25.33 2.60
CA TRP A 205 -30.80 26.56 3.38
C TRP A 205 -29.92 26.59 4.63
N MET A 206 -29.40 27.77 4.95
CA MET A 206 -28.80 28.01 6.25
C MET A 206 -29.92 28.36 7.24
N ALA A 207 -30.00 27.60 8.33
CA ALA A 207 -31.16 27.66 9.22
C ALA A 207 -30.79 27.76 10.70
N THR A 208 -31.82 27.68 11.54
CA THR A 208 -31.66 27.78 12.98
C THR A 208 -32.65 26.85 13.68
N TYR A 209 -32.15 26.00 14.58
CA TYR A 209 -33.00 25.07 15.33
C TYR A 209 -33.22 25.58 16.75
N ASN A 210 -34.48 25.89 17.06
CA ASN A 210 -34.88 26.42 18.38
C ASN A 210 -34.02 27.56 18.92
N LYS A 211 -33.76 28.55 18.07
CA LYS A 211 -33.07 29.79 18.47
C LYS A 211 -31.64 29.63 18.96
N HIS A 212 -31.16 28.39 19.08
CA HIS A 212 -29.86 28.16 19.72
C HIS A 212 -28.77 27.54 18.82
N THR A 213 -29.17 26.78 17.82
CA THR A 213 -28.19 26.06 17.00
C THR A 213 -28.25 26.32 15.49
N LYS A 214 -27.13 26.75 14.93
CA LYS A 214 -26.99 26.89 13.47
C LYS A 214 -26.94 25.51 12.81
N VAL A 215 -27.72 25.35 11.73
CA VAL A 215 -27.76 24.08 10.98
C VAL A 215 -27.93 24.33 9.48
N ALA A 216 -27.86 23.27 8.69
CA ALA A 216 -28.20 23.35 7.27
C ALA A 216 -29.46 22.51 7.01
N VAL A 217 -30.35 23.00 6.16
CA VAL A 217 -31.56 22.25 5.85
C VAL A 217 -31.68 21.97 4.36
N LYS A 218 -31.90 20.69 4.03
CA LYS A 218 -32.16 20.28 2.66
C LYS A 218 -33.67 20.06 2.51
N THR A 219 -34.29 20.88 1.65
CA THR A 219 -35.73 20.79 1.38
C THR A 219 -35.95 19.96 0.13
N MET A 220 -36.51 18.76 0.29
CA MET A 220 -36.79 17.90 -0.85
C MET A 220 -38.17 18.23 -1.41
N LYS A 221 -38.22 18.62 -2.68
CA LYS A 221 -39.52 18.86 -3.32
C LYS A 221 -40.22 17.51 -3.49
N PRO A 222 -41.54 17.48 -3.22
CA PRO A 222 -42.28 16.22 -3.19
C PRO A 222 -42.21 15.47 -4.51
N GLY A 223 -41.08 14.82 -4.77
CA GLY A 223 -40.91 14.07 -6.00
C GLY A 223 -41.68 12.77 -5.96
N SER A 224 -41.22 11.77 -6.71
CA SER A 224 -41.82 10.44 -6.66
C SER A 224 -41.38 9.74 -5.38
N MET A 225 -40.36 10.30 -4.74
CA MET A 225 -39.77 9.77 -3.51
C MET A 225 -40.80 9.38 -2.46
N SER A 226 -41.03 8.08 -2.30
CA SER A 226 -41.93 7.59 -1.26
C SER A 226 -41.45 8.06 0.10
N VAL A 227 -42.33 8.73 0.84
CA VAL A 227 -42.04 9.19 2.20
C VAL A 227 -41.51 8.05 3.06
N GLU A 228 -42.28 6.96 3.09
CA GLU A 228 -41.93 5.76 3.84
C GLU A 228 -40.56 5.21 3.46
N ALA A 229 -40.34 5.07 2.15
CA ALA A 229 -39.08 4.50 1.65
C ALA A 229 -37.86 5.37 1.91
N PHE A 230 -38.04 6.70 1.84
CA PHE A 230 -36.97 7.63 2.19
C PHE A 230 -36.52 7.40 3.62
N LEU A 231 -37.46 7.57 4.55
CA LEU A 231 -37.17 7.50 5.98
C LEU A 231 -36.53 6.18 6.40
N ALA A 232 -36.85 5.11 5.69
CA ALA A 232 -36.21 3.83 5.94
C ALA A 232 -34.70 3.95 5.71
N GLU A 233 -34.33 4.59 4.60
CA GLU A 233 -32.92 4.77 4.24
C GLU A 233 -32.24 5.81 5.16
N ALA A 234 -32.99 6.83 5.56
CA ALA A 234 -32.48 7.87 6.44
C ALA A 234 -32.05 7.31 7.79
N ASN A 235 -32.76 6.27 8.24
CA ASN A 235 -32.43 5.60 9.48
C ASN A 235 -31.17 4.73 9.37
N VAL A 236 -30.85 4.33 8.13
CA VAL A 236 -29.60 3.64 7.85
C VAL A 236 -28.46 4.66 7.78
N MET A 237 -28.73 5.76 7.08
CA MET A 237 -27.78 6.86 6.95
C MET A 237 -27.37 7.38 8.33
N LYS A 238 -28.33 7.44 9.24
CA LYS A 238 -28.12 7.90 10.60
C LYS A 238 -27.05 7.07 11.33
N THR A 239 -26.88 5.83 10.91
CA THR A 239 -25.92 4.93 11.56
C THR A 239 -24.52 5.02 10.97
N LEU A 240 -24.36 5.82 9.91
CA LEU A 240 -23.05 5.97 9.28
C LEU A 240 -22.33 7.21 9.82
N GLN A 241 -21.95 7.14 11.09
CA GLN A 241 -21.30 8.25 11.77
C GLN A 241 -19.78 8.12 11.70
N HIS A 242 -19.15 9.08 11.02
CA HIS A 242 -17.70 9.08 10.88
C HIS A 242 -17.24 10.51 10.71
N ASP A 243 -16.07 10.83 11.27
CA ASP A 243 -15.57 12.20 11.27
C ASP A 243 -15.47 12.78 9.86
N LYS A 244 -15.40 11.92 8.85
CA LYS A 244 -15.28 12.37 7.48
C LYS A 244 -16.58 12.28 6.66
N LEU A 245 -17.71 11.94 7.32
CA LEU A 245 -19.04 12.09 6.70
C LEU A 245 -19.81 13.20 7.42
N VAL A 246 -20.54 14.03 6.68
CA VAL A 246 -21.37 15.08 7.30
C VAL A 246 -22.29 14.48 8.38
N LYS A 247 -22.45 15.20 9.48
CA LYS A 247 -23.31 14.79 10.59
C LYS A 247 -24.81 15.02 10.30
N LEU A 248 -25.56 13.92 10.18
CA LEU A 248 -27.02 13.98 10.01
C LEU A 248 -27.72 14.11 11.37
N HIS A 249 -28.36 15.26 11.63
CA HIS A 249 -28.95 15.53 12.94
C HIS A 249 -30.41 15.07 13.09
N ALA A 250 -31.27 15.57 12.20
CA ALA A 250 -32.70 15.32 12.31
C ALA A 250 -33.41 15.23 10.97
N VAL A 251 -34.73 15.24 11.02
CA VAL A 251 -35.54 15.00 9.84
C VAL A 251 -36.95 15.55 10.10
N VAL A 252 -37.57 16.13 9.07
CA VAL A 252 -38.98 16.53 9.15
C VAL A 252 -39.79 15.56 8.30
N THR A 253 -40.78 14.92 8.92
CA THR A 253 -41.43 13.72 8.37
C THR A 253 -42.57 13.92 7.34
N LYS A 254 -43.17 15.11 7.31
CA LYS A 254 -44.27 15.36 6.38
C LYS A 254 -43.85 16.16 5.13
N GLU A 255 -44.33 15.74 3.96
CA GLU A 255 -44.03 16.42 2.69
C GLU A 255 -44.43 17.89 2.71
N PRO A 256 -43.51 18.77 2.29
CA PRO A 256 -42.17 18.47 1.77
C PRO A 256 -41.16 18.11 2.86
N ILE A 257 -40.47 16.98 2.68
CA ILE A 257 -39.48 16.48 3.65
C ILE A 257 -38.27 17.42 3.82
N TYR A 258 -37.89 17.68 5.07
CA TYR A 258 -36.69 18.45 5.38
C TYR A 258 -35.57 17.58 5.96
N ILE A 259 -34.33 17.81 5.52
CA ILE A 259 -33.16 17.10 6.04
C ILE A 259 -32.22 18.07 6.79
N ILE A 260 -31.88 17.73 8.03
CA ILE A 260 -31.06 18.64 8.84
C ILE A 260 -29.66 18.06 9.12
N THR A 261 -28.62 18.78 8.69
CA THR A 261 -27.23 18.38 8.97
C THR A 261 -26.50 19.50 9.68
N GLU A 262 -25.27 19.22 10.12
CA GLU A 262 -24.40 20.26 10.65
C GLU A 262 -24.11 21.28 9.53
N PHE A 263 -23.80 22.52 9.92
CA PHE A 263 -23.46 23.57 8.96
C PHE A 263 -21.95 23.59 8.70
N MET A 264 -21.59 23.55 7.42
CA MET A 264 -20.20 23.59 7.01
C MET A 264 -19.86 24.96 6.43
N ALA A 265 -19.07 25.74 7.18
CA ALA A 265 -18.89 27.18 6.89
C ALA A 265 -18.40 27.49 5.47
N LYS A 266 -17.50 26.67 4.93
CA LYS A 266 -16.93 26.97 3.63
C LYS A 266 -17.64 26.28 2.43
N GLY A 267 -18.85 25.78 2.66
CA GLY A 267 -19.65 25.23 1.57
C GLY A 267 -18.96 24.09 0.84
N SER A 268 -19.13 24.03 -0.49
CA SER A 268 -18.63 22.88 -1.25
C SER A 268 -17.14 23.00 -1.55
N LEU A 269 -16.50 21.83 -1.71
CA LEU A 269 -15.08 21.78 -2.05
C LEU A 269 -14.89 22.42 -3.43
N LEU A 270 -15.84 22.16 -4.34
CA LEU A 270 -15.80 22.75 -5.67
C LEU A 270 -15.73 24.28 -5.63
N ASP A 271 -16.69 24.90 -4.92
CA ASP A 271 -16.70 26.35 -4.78
C ASP A 271 -15.45 26.87 -4.04
N PHE A 272 -14.97 26.10 -3.07
CA PHE A 272 -13.81 26.51 -2.28
C PHE A 272 -12.51 26.53 -3.09
N LEU A 273 -12.30 25.50 -3.90
CA LEU A 273 -11.14 25.40 -4.78
C LEU A 273 -11.11 26.57 -5.78
N LYS A 274 -12.29 27.02 -6.19
CA LYS A 274 -12.41 28.14 -7.12
C LYS A 274 -12.41 29.54 -6.48
N SER A 275 -12.19 29.61 -5.16
CA SER A 275 -12.16 30.90 -4.45
C SER A 275 -10.73 31.40 -4.29
N ASP A 276 -10.62 32.64 -3.80
CA ASP A 276 -9.32 33.22 -3.46
C ASP A 276 -8.50 32.30 -2.56
N GLU A 277 -9.08 31.91 -1.42
CA GLU A 277 -8.33 31.11 -0.45
C GLU A 277 -7.96 29.73 -1.03
N GLY A 278 -8.86 29.18 -1.85
CA GLY A 278 -8.61 27.90 -2.49
C GLY A 278 -7.41 27.97 -3.40
N SER A 279 -7.40 28.96 -4.29
CA SER A 279 -6.31 29.16 -5.25
C SER A 279 -4.91 29.22 -4.61
N LYS A 280 -4.83 29.55 -3.33
CA LYS A 280 -3.55 29.65 -2.63
C LYS A 280 -3.14 28.37 -1.90
N GLN A 281 -3.97 27.33 -2.00
CA GLN A 281 -3.62 26.06 -1.38
C GLN A 281 -2.51 25.36 -2.17
N PRO A 282 -1.41 25.02 -1.48
CA PRO A 282 -0.32 24.31 -2.18
C PRO A 282 -0.73 22.86 -2.43
N LEU A 283 0.03 22.16 -3.26
CA LEU A 283 -0.28 20.80 -3.70
C LEU A 283 -0.41 19.75 -2.58
N PRO A 284 0.52 19.75 -1.60
CA PRO A 284 0.34 18.78 -0.51
C PRO A 284 -0.93 19.02 0.31
N LYS A 285 -1.53 20.20 0.19
CA LYS A 285 -2.78 20.48 0.90
C LYS A 285 -3.91 19.81 0.12
N LEU A 286 -3.85 19.97 -1.21
CA LEU A 286 -4.80 19.35 -2.14
C LEU A 286 -4.76 17.84 -1.96
N ILE A 287 -3.56 17.31 -1.77
CA ILE A 287 -3.38 15.90 -1.54
C ILE A 287 -3.95 15.47 -0.18
N ASP A 288 -3.79 16.33 0.83
CA ASP A 288 -4.41 16.06 2.13
C ASP A 288 -5.94 16.00 2.07
N PHE A 289 -6.54 16.87 1.24
CA PHE A 289 -7.99 16.86 1.04
C PHE A 289 -8.41 15.49 0.51
N SER A 290 -7.75 15.08 -0.58
CA SER A 290 -7.93 13.78 -1.20
C SER A 290 -7.88 12.64 -0.22
N ALA A 291 -6.90 12.71 0.69
CA ALA A 291 -6.70 11.63 1.64
C ALA A 291 -7.86 11.56 2.63
N GLN A 292 -8.34 12.72 3.06
CA GLN A 292 -9.49 12.77 3.98
C GLN A 292 -10.71 12.11 3.34
N ILE A 293 -10.96 12.45 2.07
CA ILE A 293 -12.09 11.92 1.33
C ILE A 293 -11.97 10.41 1.15
N ALA A 294 -10.76 9.95 0.80
CA ALA A 294 -10.49 8.51 0.71
C ALA A 294 -10.81 7.83 2.03
N GLU A 295 -10.42 8.46 3.14
CA GLU A 295 -10.72 7.93 4.46
C GLU A 295 -12.25 7.74 4.61
N GLY A 296 -13.02 8.73 4.18
CA GLY A 296 -14.47 8.67 4.28
C GLY A 296 -15.03 7.51 3.47
N MET A 297 -14.55 7.38 2.23
CA MET A 297 -14.99 6.32 1.33
C MET A 297 -14.59 4.94 1.81
N ALA A 298 -13.42 4.84 2.45
CA ALA A 298 -12.96 3.56 2.98
C ALA A 298 -13.91 3.08 4.06
N PHE A 299 -14.41 4.01 4.86
CA PHE A 299 -15.40 3.71 5.88
C PHE A 299 -16.69 3.20 5.22
N ILE A 300 -17.14 3.91 4.18
CA ILE A 300 -18.33 3.50 3.45
C ILE A 300 -18.15 2.11 2.84
N GLU A 301 -17.01 1.90 2.20
CA GLU A 301 -16.58 0.58 1.68
C GLU A 301 -16.66 -0.49 2.77
N GLN A 302 -16.07 -0.19 3.93
CA GLN A 302 -16.07 -1.08 5.09
C GLN A 302 -17.49 -1.53 5.45
N ARG A 303 -18.40 -0.57 5.51
CA ARG A 303 -19.77 -0.83 5.94
C ARG A 303 -20.64 -1.41 4.83
N ASN A 304 -20.02 -1.78 3.71
CA ASN A 304 -20.75 -2.26 2.53
C ASN A 304 -21.87 -1.32 2.10
N TYR A 305 -21.49 -0.11 1.73
CA TYR A 305 -22.46 0.89 1.27
C TYR A 305 -21.98 1.45 -0.07
N ILE A 306 -22.84 2.21 -0.75
CA ILE A 306 -22.49 2.81 -2.04
C ILE A 306 -22.87 4.28 -2.01
N HIS A 307 -22.02 5.14 -2.58
CA HIS A 307 -22.30 6.58 -2.61
C HIS A 307 -23.18 6.99 -3.79
N ARG A 308 -22.79 6.57 -4.99
CA ARG A 308 -23.53 6.81 -6.25
C ARG A 308 -23.35 8.20 -6.90
N ASP A 309 -22.88 9.18 -6.14
CA ASP A 309 -22.64 10.52 -6.72
C ASP A 309 -21.41 11.24 -6.16
N LEU A 310 -20.24 10.62 -6.31
CA LEU A 310 -19.00 11.20 -5.78
C LEU A 310 -18.46 12.26 -6.72
N ARG A 311 -18.31 13.48 -6.21
CA ARG A 311 -17.66 14.59 -6.92
C ARG A 311 -17.43 15.79 -5.99
N ALA A 312 -16.70 16.80 -6.48
CA ALA A 312 -16.29 17.93 -5.64
C ALA A 312 -17.50 18.67 -5.08
N ALA A 313 -18.55 18.79 -5.89
CA ALA A 313 -19.75 19.49 -5.47
C ALA A 313 -20.49 18.79 -4.33
N ASN A 314 -20.21 17.50 -4.12
CA ASN A 314 -20.83 16.77 -3.00
C ASN A 314 -19.89 16.49 -1.83
N ILE A 315 -18.78 17.21 -1.80
CA ILE A 315 -17.87 17.26 -0.65
C ILE A 315 -18.03 18.62 0.05
N LEU A 316 -18.02 18.64 1.38
CA LEU A 316 -18.20 19.88 2.15
C LEU A 316 -16.90 20.26 2.89
N VAL A 317 -16.65 21.57 3.06
CA VAL A 317 -15.44 22.04 3.75
C VAL A 317 -15.77 22.80 5.05
N SER A 318 -15.15 22.42 6.16
CA SER A 318 -15.35 23.12 7.43
C SER A 318 -14.45 24.36 7.47
N ALA A 319 -14.67 25.20 8.48
CA ALA A 319 -13.89 26.44 8.66
C ALA A 319 -12.41 26.15 8.87
N SER A 320 -12.12 25.03 9.53
CA SER A 320 -10.74 24.59 9.76
C SER A 320 -10.24 23.65 8.67
N LEU A 321 -10.89 23.70 7.51
CA LEU A 321 -10.47 22.92 6.33
C LEU A 321 -10.57 21.37 6.44
N VAL A 322 -11.40 20.88 7.35
CA VAL A 322 -11.75 19.44 7.34
C VAL A 322 -12.75 19.19 6.22
N CYS A 323 -12.49 18.17 5.40
CA CYS A 323 -13.40 17.78 4.33
C CYS A 323 -14.40 16.73 4.80
N LYS A 324 -15.65 16.85 4.36
CA LYS A 324 -16.70 15.88 4.73
C LYS A 324 -17.58 15.45 3.54
N ILE A 325 -17.78 14.15 3.41
CA ILE A 325 -18.66 13.60 2.37
C ILE A 325 -20.14 13.85 2.66
N ALA A 326 -20.86 14.37 1.66
CA ALA A 326 -22.29 14.63 1.79
C ALA A 326 -23.09 13.82 0.76
N ASP A 327 -24.40 13.86 0.87
CA ASP A 327 -25.30 13.24 -0.11
C ASP A 327 -25.09 11.74 -0.38
N PHE A 328 -24.45 11.04 0.55
CA PHE A 328 -24.15 9.63 0.36
C PHE A 328 -25.41 8.76 0.29
N GLY A 329 -25.55 8.01 -0.80
CA GLY A 329 -26.66 7.09 -0.97
C GLY A 329 -28.00 7.72 -1.31
N LEU A 330 -28.03 9.05 -1.39
CA LEU A 330 -29.28 9.77 -1.61
C LEU A 330 -29.86 9.54 -3.01
N ALA A 331 -29.01 9.05 -3.93
CA ALA A 331 -29.41 8.87 -5.32
C ALA A 331 -30.10 7.53 -5.61
N ARG A 332 -30.02 6.58 -4.67
CA ARG A 332 -30.77 5.33 -4.78
C ARG A 332 -32.26 5.63 -4.63
N VAL A 333 -32.54 6.65 -3.82
CA VAL A 333 -33.90 7.01 -3.44
C VAL A 333 -34.63 7.87 -4.49
N ILE A 334 -33.90 8.76 -5.15
CA ILE A 334 -34.49 9.65 -6.15
C ILE A 334 -34.68 8.99 -7.51
N PHE A 347 -27.26 13.12 -15.31
CA PHE A 347 -26.34 14.20 -15.64
C PHE A 347 -24.85 13.86 -15.47
N PRO A 348 -24.40 13.58 -14.22
CA PRO A 348 -22.95 13.54 -14.02
C PRO A 348 -22.28 12.28 -14.61
N ILE A 349 -22.44 12.08 -15.91
CA ILE A 349 -21.82 10.93 -16.58
C ILE A 349 -20.31 11.12 -16.71
N LYS A 350 -19.87 12.37 -16.68
CA LYS A 350 -18.44 12.68 -16.69
C LYS A 350 -17.75 12.16 -15.43
N TRP A 351 -18.55 11.94 -14.38
CA TRP A 351 -18.07 11.32 -13.15
C TRP A 351 -18.43 9.83 -13.09
N THR A 352 -19.13 9.35 -14.09
CA THR A 352 -19.69 7.99 -14.02
C THR A 352 -18.88 6.95 -14.78
N ALA A 353 -18.69 5.79 -14.15
CA ALA A 353 -18.06 4.63 -14.79
C ALA A 353 -18.97 4.04 -15.87
N PRO A 354 -18.37 3.46 -16.92
CA PRO A 354 -19.08 2.88 -18.08
C PRO A 354 -20.11 1.82 -17.71
N GLU A 355 -19.73 0.87 -16.84
CA GLU A 355 -20.62 -0.20 -16.42
C GLU A 355 -21.88 0.36 -15.78
N ALA A 356 -21.76 1.52 -15.16
CA ALA A 356 -22.90 2.20 -14.57
C ALA A 356 -23.72 2.96 -15.63
N ILE A 357 -23.03 3.53 -16.62
CA ILE A 357 -23.69 4.23 -17.71
C ILE A 357 -24.47 3.24 -18.59
N ASN A 358 -23.75 2.27 -19.14
CA ASN A 358 -24.31 1.29 -20.07
C ASN A 358 -25.35 0.36 -19.44
N PHE A 359 -25.01 -0.21 -18.28
CA PHE A 359 -25.82 -1.26 -17.69
C PHE A 359 -26.48 -0.89 -16.37
N GLY A 360 -26.27 0.33 -15.91
CA GLY A 360 -26.84 0.78 -14.65
C GLY A 360 -26.28 0.02 -13.46
N SER A 361 -25.05 -0.48 -13.60
CA SER A 361 -24.43 -1.26 -12.52
C SER A 361 -23.59 -0.37 -11.59
N PHE A 362 -24.11 -0.13 -10.39
CA PHE A 362 -23.45 0.74 -9.42
C PHE A 362 -22.84 -0.03 -8.26
N THR A 363 -21.51 0.06 -8.13
CA THR A 363 -20.77 -0.63 -7.07
C THR A 363 -19.79 0.32 -6.39
N ILE A 364 -19.17 -0.15 -5.31
CA ILE A 364 -18.10 0.59 -4.67
C ILE A 364 -16.95 0.77 -5.67
N LYS A 365 -16.84 -0.16 -6.62
CA LYS A 365 -15.85 -0.04 -7.69
C LYS A 365 -16.14 1.13 -8.63
N SER A 366 -17.43 1.38 -8.92
CA SER A 366 -17.78 2.50 -9.78
C SER A 366 -17.55 3.83 -9.06
N ASP A 367 -17.65 3.82 -7.74
CA ASP A 367 -17.26 4.97 -6.92
C ASP A 367 -15.76 5.27 -7.07
N VAL A 368 -14.92 4.24 -7.02
CA VAL A 368 -13.48 4.37 -7.25
C VAL A 368 -13.20 5.13 -8.56
N TRP A 369 -13.96 4.81 -9.60
CA TRP A 369 -13.85 5.51 -10.86
C TRP A 369 -14.15 6.99 -10.63
N SER A 370 -15.25 7.25 -9.95
CA SER A 370 -15.64 8.62 -9.62
C SER A 370 -14.58 9.35 -8.79
N PHE A 371 -13.96 8.65 -7.84
CA PHE A 371 -12.93 9.24 -7.00
C PHE A 371 -11.75 9.70 -7.85
N GLY A 372 -11.38 8.88 -8.83
CA GLY A 372 -10.33 9.24 -9.77
C GLY A 372 -10.59 10.54 -10.49
N ILE A 373 -11.84 10.73 -10.95
CA ILE A 373 -12.22 11.97 -11.60
C ILE A 373 -12.17 13.14 -10.60
N LEU A 374 -12.65 12.92 -9.39
CA LEU A 374 -12.63 13.92 -8.33
C LEU A 374 -11.20 14.39 -8.03
N LEU A 375 -10.27 13.44 -8.03
CA LEU A 375 -8.85 13.73 -7.86
C LEU A 375 -8.40 14.77 -8.89
N MET A 376 -8.82 14.57 -10.13
CA MET A 376 -8.49 15.51 -11.21
C MET A 376 -9.17 16.86 -10.96
N GLU A 377 -10.44 16.83 -10.53
CA GLU A 377 -11.14 18.05 -10.12
C GLU A 377 -10.33 18.82 -9.08
N ILE A 378 -9.88 18.10 -8.04
CA ILE A 378 -9.11 18.72 -6.96
C ILE A 378 -7.80 19.37 -7.45
N VAL A 379 -7.01 18.62 -8.21
CA VAL A 379 -5.70 19.06 -8.67
C VAL A 379 -5.75 20.19 -9.72
N THR A 380 -6.89 20.32 -10.40
CA THR A 380 -7.11 21.42 -11.34
C THR A 380 -7.90 22.58 -10.72
N TYR A 381 -7.94 22.63 -9.40
CA TYR A 381 -8.67 23.68 -8.67
C TYR A 381 -10.13 23.85 -9.12
N GLY A 382 -10.80 22.73 -9.36
CA GLY A 382 -12.23 22.77 -9.62
C GLY A 382 -12.65 22.74 -11.08
N ARG A 383 -11.67 22.73 -12.00
CA ARG A 383 -11.96 22.75 -13.44
C ARG A 383 -12.89 21.59 -13.84
N ILE A 384 -13.78 21.86 -14.79
CA ILE A 384 -14.70 20.84 -15.32
C ILE A 384 -13.90 19.70 -15.94
N PRO A 385 -14.30 18.45 -15.68
CA PRO A 385 -13.69 17.26 -16.30
C PRO A 385 -13.99 17.21 -17.80
N TYR A 386 -13.07 16.65 -18.60
CA TYR A 386 -13.20 16.62 -20.07
C TYR A 386 -13.61 17.97 -20.70
N PRO A 387 -12.77 19.02 -20.53
CA PRO A 387 -13.18 20.35 -20.99
C PRO A 387 -13.28 20.48 -22.52
N GLY A 388 -14.23 21.27 -23.00
CA GLY A 388 -14.48 21.37 -24.43
C GLY A 388 -15.39 20.26 -24.94
N MET A 389 -15.28 19.08 -24.34
CA MET A 389 -16.07 17.92 -24.75
C MET A 389 -17.51 18.00 -24.24
N SER A 390 -18.42 17.48 -25.06
CA SER A 390 -19.80 17.25 -24.62
C SER A 390 -19.90 15.83 -24.07
N ASN A 391 -20.96 15.55 -23.33
CA ASN A 391 -21.20 14.22 -22.76
C ASN A 391 -21.12 13.05 -23.76
N PRO A 392 -21.81 13.14 -24.91
CA PRO A 392 -21.75 11.99 -25.81
C PRO A 392 -20.39 11.84 -26.49
N GLU A 393 -19.72 12.96 -26.78
CA GLU A 393 -18.35 12.95 -27.28
C GLU A 393 -17.47 12.14 -26.33
N VAL A 394 -17.56 12.48 -25.05
CA VAL A 394 -16.85 11.79 -23.97
C VAL A 394 -17.08 10.28 -23.96
N ILE A 395 -18.34 9.87 -24.10
CA ILE A 395 -18.69 8.45 -24.11
C ILE A 395 -17.99 7.67 -25.23
N ARG A 396 -18.03 8.21 -26.44
CA ARG A 396 -17.35 7.59 -27.58
C ARG A 396 -15.84 7.50 -27.35
N ALA A 397 -15.27 8.56 -26.75
CA ALA A 397 -13.84 8.63 -26.49
C ALA A 397 -13.35 7.52 -25.54
N LEU A 398 -14.05 7.34 -24.43
CA LEU A 398 -13.69 6.30 -23.45
C LEU A 398 -13.62 4.91 -24.07
N GLU A 399 -14.67 4.53 -24.79
CA GLU A 399 -14.74 3.21 -25.42
C GLU A 399 -13.66 3.01 -26.49
N ARG A 400 -12.96 4.09 -26.84
CA ARG A 400 -11.78 4.02 -27.68
C ARG A 400 -10.52 3.82 -26.83
N GLY A 401 -10.63 4.14 -25.54
CA GLY A 401 -9.51 4.04 -24.62
C GLY A 401 -8.96 5.40 -24.23
N TYR A 402 -9.72 6.46 -24.50
CA TYR A 402 -9.29 7.80 -24.11
C TYR A 402 -9.33 8.01 -22.60
N ARG A 403 -8.35 8.75 -22.10
CA ARG A 403 -8.32 9.17 -20.71
C ARG A 403 -7.81 10.61 -20.66
N MET A 404 -8.28 11.38 -19.68
CA MET A 404 -7.78 12.74 -19.49
C MET A 404 -6.27 12.72 -19.30
N PRO A 405 -5.56 13.64 -19.98
CA PRO A 405 -4.10 13.78 -19.85
C PRO A 405 -3.68 14.32 -18.48
N ARG A 406 -2.37 14.34 -18.19
CA ARG A 406 -1.90 14.85 -16.90
C ARG A 406 -1.63 16.35 -16.94
N PRO A 407 -2.33 17.12 -16.10
CA PRO A 407 -2.11 18.56 -16.01
C PRO A 407 -0.73 18.91 -15.46
N GLU A 408 -0.31 20.16 -15.61
CA GLU A 408 1.04 20.59 -15.30
C GLU A 408 1.47 20.32 -13.86
N ASN A 409 0.60 20.71 -12.92
CA ASN A 409 0.94 20.64 -11.50
C ASN A 409 0.87 19.25 -10.88
N CYS A 410 0.13 18.34 -11.52
CA CYS A 410 -0.08 16.99 -10.99
C CYS A 410 1.19 16.13 -11.00
N PRO A 411 1.61 15.63 -9.83
CA PRO A 411 2.77 14.73 -9.77
C PRO A 411 2.50 13.41 -10.49
N GLU A 412 3.57 12.79 -11.02
CA GLU A 412 3.45 11.58 -11.83
C GLU A 412 2.76 10.43 -11.07
N GLU A 413 3.12 10.23 -9.81
CA GLU A 413 2.58 9.14 -9.01
C GLU A 413 1.12 9.36 -8.61
N LEU A 414 0.73 10.63 -8.47
CA LEU A 414 -0.67 10.97 -8.24
C LEU A 414 -1.50 10.58 -9.47
N TYR A 415 -0.90 10.77 -10.64
CA TYR A 415 -1.53 10.43 -11.92
C TYR A 415 -1.77 8.94 -12.08
N ASN A 416 -0.83 8.10 -11.63
CA ASN A 416 -0.99 6.65 -11.74
C ASN A 416 -2.20 6.17 -10.95
N ILE A 417 -2.44 6.83 -9.82
CA ILE A 417 -3.56 6.52 -8.95
C ILE A 417 -4.89 6.79 -9.67
N MET A 418 -5.00 7.96 -10.30
CA MET A 418 -6.16 8.29 -11.11
C MET A 418 -6.35 7.23 -12.18
N MET A 419 -5.25 6.89 -12.86
CA MET A 419 -5.29 5.96 -13.98
C MET A 419 -5.72 4.55 -13.53
N ARG A 420 -5.22 4.11 -12.37
CA ARG A 420 -5.64 2.86 -11.77
C ARG A 420 -7.11 2.90 -11.38
N CYS A 421 -7.60 4.09 -11.04
CA CYS A 421 -9.02 4.27 -10.74
C CYS A 421 -9.89 4.10 -11.99
N TRP A 422 -9.30 4.42 -13.15
CA TRP A 422 -10.01 4.39 -14.42
C TRP A 422 -9.78 3.13 -15.26
N LYS A 423 -9.60 1.99 -14.60
CA LYS A 423 -9.52 0.71 -15.31
C LYS A 423 -10.88 0.35 -15.91
N ASN A 424 -10.87 -0.31 -17.07
CA ASN A 424 -12.11 -0.77 -17.71
C ASN A 424 -12.84 -1.79 -16.86
N ARG A 425 -12.10 -2.79 -16.39
CA ARG A 425 -12.67 -3.82 -15.53
C ARG A 425 -12.70 -3.38 -14.07
N PRO A 426 -13.91 -3.33 -13.48
CA PRO A 426 -14.15 -2.91 -12.09
C PRO A 426 -13.29 -3.64 -11.07
N GLU A 427 -13.18 -4.96 -11.20
CA GLU A 427 -12.35 -5.77 -10.31
C GLU A 427 -10.87 -5.34 -10.28
N GLU A 428 -10.39 -4.77 -11.38
CA GLU A 428 -9.00 -4.33 -11.49
C GLU A 428 -8.77 -2.97 -10.79
N ARG A 429 -9.85 -2.36 -10.33
CA ARG A 429 -9.76 -1.09 -9.61
C ARG A 429 -9.41 -1.34 -8.14
N PRO A 430 -8.53 -0.50 -7.59
CA PRO A 430 -8.07 -0.69 -6.22
C PRO A 430 -9.15 -0.32 -5.22
N THR A 431 -8.95 -0.71 -3.95
CA THR A 431 -9.89 -0.38 -2.89
C THR A 431 -9.61 1.00 -2.29
N PHE A 432 -10.59 1.52 -1.55
CA PHE A 432 -10.43 2.80 -0.87
C PHE A 432 -9.48 2.62 0.31
N GLU A 433 -9.51 1.44 0.91
CA GLU A 433 -8.56 1.07 1.96
C GLU A 433 -7.12 1.32 1.50
N TYR A 434 -6.78 0.77 0.33
CA TYR A 434 -5.44 0.93 -0.22
C TYR A 434 -5.17 2.39 -0.63
N ILE A 435 -6.16 3.04 -1.24
CA ILE A 435 -6.02 4.41 -1.70
C ILE A 435 -5.73 5.35 -0.52
N GLN A 436 -6.52 5.21 0.54
CA GLN A 436 -6.36 6.01 1.73
C GLN A 436 -4.94 5.83 2.26
N SER A 437 -4.51 4.58 2.35
CA SER A 437 -3.18 4.26 2.86
C SER A 437 -2.04 4.89 2.04
N VAL A 438 -2.22 4.95 0.72
CA VAL A 438 -1.22 5.54 -0.18
C VAL A 438 -1.18 7.05 0.00
N LEU A 439 -2.36 7.65 -0.11
CA LEU A 439 -2.51 9.08 0.00
C LEU A 439 -2.12 9.64 1.37
N ASP A 440 -2.37 8.92 2.46
CA ASP A 440 -2.04 9.43 3.82
C ASP A 440 -0.53 9.61 4.00
N ASP A 441 0.26 8.74 3.38
CA ASP A 441 1.70 8.76 3.54
C ASP A 441 2.39 9.07 2.20
N PHE A 442 1.75 9.89 1.36
CA PHE A 442 2.27 10.23 0.03
C PHE A 442 3.73 10.77 0.06
N TYR A 443 4.08 11.53 1.10
CA TYR A 443 5.42 12.13 1.21
C TYR A 443 6.29 11.46 2.27
N THR A 444 5.82 10.33 2.78
CA THR A 444 6.56 9.62 3.83
C THR A 444 6.81 8.16 3.43
N ALA A 445 8.09 7.76 3.45
CA ALA A 445 8.47 6.36 3.26
C ALA A 445 8.11 5.52 4.50
N THR A 446 7.61 4.31 4.23
CA THR A 446 7.16 3.39 5.29
C THR A 446 8.12 3.29 6.45
N GLU A 447 9.40 3.07 6.13
CA GLU A 447 10.42 3.00 7.17
C GLU A 447 10.51 4.29 8.00
N SER A 448 9.98 5.41 7.49
CA SER A 448 10.14 6.68 8.20
C SER A 448 8.93 7.10 9.05
N GLN A 449 7.93 6.22 9.15
CA GLN A 449 6.67 6.54 9.84
C GLN A 449 6.92 6.85 11.32
N GLU A 451 10.09 6.86 14.64
CA GLU A 451 11.53 7.03 14.83
C GLU A 451 12.02 6.05 15.88
N GLU A 452 13.17 5.43 15.62
CA GLU A 452 13.80 4.58 16.63
C GLU A 452 14.98 5.31 17.28
N ILE A 453 14.95 5.41 18.61
CA ILE A 453 16.05 6.04 19.35
C ILE A 453 16.72 5.05 20.31
N PRO A 454 18.06 4.99 20.26
CA PRO A 454 18.89 4.10 21.10
C PRO A 454 19.05 4.64 22.53
N ARG B 8 10.82 -13.35 -45.31
CA ARG B 8 12.18 -13.48 -44.83
C ARG B 8 12.36 -12.73 -43.51
N ILE B 9 12.72 -13.46 -42.45
CA ILE B 9 12.89 -12.87 -41.13
C ILE B 9 14.33 -13.01 -40.62
N ILE B 10 15.01 -11.88 -40.45
CA ILE B 10 16.39 -11.88 -39.97
C ILE B 10 16.46 -11.48 -38.49
N VAL B 11 17.19 -12.26 -37.69
CA VAL B 11 17.46 -11.87 -36.30
C VAL B 11 18.97 -11.72 -36.04
N VAL B 12 19.31 -11.23 -34.84
CA VAL B 12 20.71 -11.08 -34.46
C VAL B 12 20.94 -11.60 -33.03
N ALA B 13 22.05 -12.28 -32.83
CA ALA B 13 22.40 -12.84 -31.52
C ALA B 13 22.86 -11.75 -30.55
N LEU B 14 22.32 -11.81 -29.34
CA LEU B 14 22.57 -10.82 -28.30
C LEU B 14 23.76 -11.18 -27.42
N TYR B 15 24.01 -12.48 -27.28
CA TYR B 15 25.14 -12.99 -26.51
C TYR B 15 25.78 -14.18 -27.23
N ASP B 16 26.99 -14.54 -26.82
CA ASP B 16 27.61 -15.75 -27.35
C ASP B 16 26.88 -17.01 -26.87
N TYR B 17 26.85 -18.03 -27.73
CA TYR B 17 26.26 -19.32 -27.36
C TYR B 17 27.04 -20.47 -27.94
N GLU B 18 27.41 -21.41 -27.08
CA GLU B 18 28.04 -22.64 -27.53
C GLU B 18 27.03 -23.79 -27.52
N ALA B 19 27.01 -24.55 -28.61
CA ALA B 19 26.13 -25.70 -28.73
C ALA B 19 26.61 -26.82 -27.80
N ILE B 20 25.65 -27.57 -27.23
CA ILE B 20 25.96 -28.70 -26.35
C ILE B 20 25.06 -29.89 -26.65
N HIS B 21 24.13 -29.71 -27.58
CA HIS B 21 23.23 -30.78 -28.00
C HIS B 21 23.61 -31.37 -29.36
N HIS B 22 22.70 -32.16 -29.94
CA HIS B 22 22.94 -32.77 -31.25
C HIS B 22 22.81 -31.77 -32.40
N GLU B 23 21.71 -31.02 -32.39
CA GLU B 23 21.32 -30.23 -33.55
C GLU B 23 21.14 -28.74 -33.27
N ASP B 24 21.78 -28.24 -32.22
CA ASP B 24 21.74 -26.80 -31.95
C ASP B 24 22.95 -26.11 -32.57
N LEU B 25 22.81 -24.83 -32.91
CA LEU B 25 23.91 -24.08 -33.53
C LEU B 25 24.76 -23.30 -32.51
N SER B 26 26.02 -23.08 -32.85
CA SER B 26 26.86 -22.14 -32.09
C SER B 26 26.84 -20.79 -32.79
N PHE B 27 27.06 -19.72 -32.04
CA PHE B 27 27.10 -18.37 -32.62
C PHE B 27 27.68 -17.29 -31.72
N GLN B 28 28.34 -16.31 -32.33
CA GLN B 28 28.92 -15.18 -31.61
C GLN B 28 27.96 -13.99 -31.51
N LYS B 29 28.24 -13.12 -30.55
CA LYS B 29 27.55 -11.84 -30.39
C LYS B 29 27.70 -11.02 -31.68
N GLY B 30 26.61 -10.89 -32.43
CA GLY B 30 26.66 -10.16 -33.69
C GLY B 30 26.22 -10.95 -34.91
N ASP B 31 26.32 -12.28 -34.82
CA ASP B 31 25.93 -13.14 -35.93
C ASP B 31 24.45 -12.97 -36.26
N GLN B 32 24.14 -12.81 -37.55
CA GLN B 32 22.75 -12.75 -37.97
C GLN B 32 22.32 -14.12 -38.45
N MET B 33 21.02 -14.38 -38.41
CA MET B 33 20.48 -15.70 -38.77
C MET B 33 19.13 -15.57 -39.45
N VAL B 34 18.77 -16.57 -40.24
CA VAL B 34 17.51 -16.60 -40.95
C VAL B 34 16.53 -17.53 -40.25
N VAL B 35 15.47 -16.95 -39.68
CA VAL B 35 14.43 -17.73 -39.00
C VAL B 35 13.74 -18.66 -39.98
N LEU B 36 13.61 -19.93 -39.62
CA LEU B 36 12.98 -20.92 -40.47
C LEU B 36 11.74 -21.48 -39.77
N GLU B 37 11.73 -21.36 -38.44
CA GLU B 37 10.73 -21.99 -37.61
C GLU B 37 10.66 -21.36 -36.22
N GLU B 38 9.47 -20.93 -35.82
CA GLU B 38 9.24 -20.43 -34.47
C GLU B 38 8.44 -21.45 -33.66
N SER B 39 9.09 -22.08 -32.69
CA SER B 39 8.46 -23.13 -31.90
C SER B 39 8.79 -23.03 -30.41
N GLY B 40 8.74 -21.81 -29.86
CA GLY B 40 8.95 -21.62 -28.44
C GLY B 40 10.35 -21.20 -28.02
N GLU B 41 10.92 -21.96 -27.07
CA GLU B 41 12.23 -21.65 -26.53
C GLU B 41 13.32 -21.96 -27.55
N TRP B 42 13.08 -22.99 -28.35
CA TRP B 42 13.99 -23.33 -29.44
C TRP B 42 13.39 -22.97 -30.79
N TRP B 43 14.18 -22.30 -31.62
CA TRP B 43 13.76 -21.99 -32.98
C TRP B 43 14.71 -22.63 -33.98
N LYS B 44 14.20 -22.97 -35.16
CA LYS B 44 15.08 -23.42 -36.23
C LYS B 44 15.54 -22.23 -37.08
N ALA B 45 16.85 -22.13 -37.30
CA ALA B 45 17.44 -21.01 -38.05
C ALA B 45 18.61 -21.44 -38.95
N ARG B 46 19.02 -20.54 -39.84
CA ARG B 46 20.24 -20.73 -40.64
C ARG B 46 21.18 -19.56 -40.37
N SER B 47 22.37 -19.85 -39.87
CA SER B 47 23.35 -18.80 -39.61
C SER B 47 23.92 -18.20 -40.90
N LEU B 48 23.87 -16.88 -41.01
CA LEU B 48 24.45 -16.19 -42.17
C LEU B 48 25.98 -16.25 -42.13
N ALA B 49 26.53 -16.54 -40.96
CA ALA B 49 27.97 -16.61 -40.77
C ALA B 49 28.56 -17.98 -41.15
N THR B 50 27.87 -19.05 -40.79
CA THR B 50 28.35 -20.42 -40.99
C THR B 50 27.59 -21.17 -42.06
N ARG B 51 26.38 -20.69 -42.37
CA ARG B 51 25.47 -21.31 -43.32
C ARG B 51 24.90 -22.65 -42.84
N LYS B 52 24.91 -22.85 -41.51
CA LYS B 52 24.39 -24.09 -40.92
C LYS B 52 22.95 -23.94 -40.47
N GLU B 53 22.13 -24.95 -40.76
CA GLU B 53 20.75 -24.98 -40.29
C GLU B 53 20.71 -25.77 -38.97
N GLY B 54 19.87 -25.34 -38.03
CA GLY B 54 19.75 -26.02 -36.75
C GLY B 54 18.92 -25.27 -35.71
N TYR B 55 19.18 -25.54 -34.43
CA TYR B 55 18.36 -24.99 -33.35
C TYR B 55 19.07 -23.93 -32.50
N ILE B 56 18.30 -22.92 -32.09
CA ILE B 56 18.81 -21.80 -31.32
C ILE B 56 17.83 -21.42 -30.21
N PRO B 57 18.35 -20.95 -29.06
CA PRO B 57 17.48 -20.46 -27.98
C PRO B 57 16.83 -19.15 -28.39
N SER B 58 15.51 -19.14 -28.56
CA SER B 58 14.78 -17.96 -29.02
C SER B 58 15.04 -16.68 -28.21
N ASN B 59 15.40 -16.85 -26.94
CA ASN B 59 15.65 -15.71 -26.06
C ASN B 59 17.07 -15.16 -26.16
N TYR B 60 17.90 -15.77 -27.01
CA TYR B 60 19.28 -15.31 -27.19
C TYR B 60 19.39 -14.31 -28.36
N VAL B 61 18.27 -14.12 -29.07
CA VAL B 61 18.26 -13.30 -30.28
C VAL B 61 17.12 -12.28 -30.29
N ALA B 62 17.20 -11.34 -31.23
CA ALA B 62 16.16 -10.34 -31.45
C ALA B 62 16.22 -9.86 -32.90
N ARG B 63 15.10 -9.35 -33.42
CA ARG B 63 15.05 -8.81 -34.79
C ARG B 63 16.09 -7.70 -35.00
N VAL B 64 16.61 -7.60 -36.23
CA VAL B 64 17.76 -6.73 -36.54
C VAL B 64 17.50 -5.26 -36.23
N ASP B 65 18.47 -4.61 -35.60
CA ASP B 65 18.40 -3.18 -35.27
C ASP B 65 17.12 -2.76 -34.53
N SER B 66 16.44 -3.72 -33.90
CA SER B 66 15.31 -3.44 -33.03
C SER B 66 15.83 -2.90 -31.70
N LEU B 67 14.93 -2.53 -30.81
CA LEU B 67 15.32 -1.89 -29.56
C LEU B 67 16.18 -2.79 -28.65
N GLU B 68 15.84 -4.06 -28.59
CA GLU B 68 16.55 -5.01 -27.72
C GLU B 68 18.02 -5.28 -28.12
N THR B 69 18.40 -4.81 -29.31
CA THR B 69 19.77 -4.98 -29.80
C THR B 69 20.68 -3.88 -29.27
N GLU B 70 20.12 -2.95 -28.50
CA GLU B 70 20.89 -1.86 -27.92
C GLU B 70 21.43 -2.25 -26.55
N GLU B 71 22.68 -1.88 -26.26
CA GLU B 71 23.34 -2.26 -25.02
C GLU B 71 22.74 -1.60 -23.78
N TRP B 72 22.02 -0.50 -24.00
CA TRP B 72 21.41 0.28 -22.92
C TRP B 72 19.89 0.07 -22.78
N PHE B 73 19.30 -0.70 -23.68
CA PHE B 73 17.87 -1.01 -23.58
C PHE B 73 17.59 -2.32 -22.82
N PHE B 74 16.50 -2.33 -22.05
CA PHE B 74 16.11 -3.50 -21.26
C PHE B 74 14.62 -3.82 -21.36
N LYS B 75 14.30 -4.95 -21.99
CA LYS B 75 12.93 -5.36 -22.22
C LYS B 75 12.37 -6.14 -21.02
N GLY B 76 11.08 -5.96 -20.74
CA GLY B 76 10.39 -6.72 -19.72
C GLY B 76 10.96 -6.62 -18.31
N ILE B 77 11.53 -5.47 -17.97
CA ILE B 77 12.03 -5.25 -16.62
C ILE B 77 11.03 -4.38 -15.86
N SER B 78 10.98 -4.53 -14.53
CA SER B 78 10.19 -3.62 -13.68
C SER B 78 11.10 -2.55 -13.08
N ARG B 79 10.50 -1.47 -12.58
CA ARG B 79 11.24 -0.40 -11.90
C ARG B 79 12.09 -0.99 -10.78
N LYS B 80 11.53 -1.93 -10.03
CA LYS B 80 12.26 -2.53 -8.93
C LYS B 80 13.44 -3.39 -9.40
N ASP B 81 13.22 -4.17 -10.47
CA ASP B 81 14.28 -4.99 -11.06
C ASP B 81 15.42 -4.10 -11.59
N ALA B 82 15.02 -3.04 -12.29
CA ALA B 82 15.96 -2.04 -12.79
C ALA B 82 16.87 -1.55 -11.66
N GLU B 83 16.26 -1.21 -10.54
CA GLU B 83 16.96 -0.78 -9.33
C GLU B 83 17.90 -1.86 -8.78
N ARG B 84 17.49 -3.13 -8.85
CA ARG B 84 18.37 -4.22 -8.37
C ARG B 84 19.63 -4.40 -9.24
N GLN B 85 19.49 -4.21 -10.54
CA GLN B 85 20.59 -4.45 -11.47
C GLN B 85 21.62 -3.33 -11.49
N LEU B 86 21.16 -2.11 -11.25
CA LEU B 86 22.05 -0.96 -11.19
C LEU B 86 22.78 -0.90 -9.85
N LEU B 87 22.14 -1.42 -8.80
CA LEU B 87 22.78 -1.53 -7.50
C LEU B 87 23.66 -2.78 -7.40
N ALA B 88 23.57 -3.66 -8.39
CA ALA B 88 24.45 -4.82 -8.48
C ALA B 88 25.90 -4.36 -8.64
N PRO B 89 26.86 -5.18 -8.15
CA PRO B 89 28.28 -4.86 -8.28
C PRO B 89 28.70 -4.81 -9.75
N GLY B 90 29.80 -4.11 -10.05
CA GLY B 90 30.26 -4.00 -11.42
C GLY B 90 29.69 -2.78 -12.12
N ASN B 91 28.83 -2.06 -11.41
CA ASN B 91 28.28 -0.81 -11.92
C ASN B 91 28.88 0.39 -11.19
N MET B 92 28.79 1.57 -11.81
CA MET B 92 29.37 2.79 -11.24
C MET B 92 28.39 3.96 -11.28
N LEU B 93 28.84 5.12 -10.82
CA LEU B 93 28.04 6.35 -10.87
C LEU B 93 27.70 6.68 -12.32
N GLY B 94 26.45 7.03 -12.58
CA GLY B 94 26.03 7.35 -13.93
C GLY B 94 25.66 6.14 -14.77
N SER B 95 25.89 4.92 -14.25
CA SER B 95 25.44 3.71 -14.92
C SER B 95 23.95 3.83 -15.12
N PHE B 96 23.46 3.43 -16.29
CA PHE B 96 22.09 3.74 -16.67
C PHE B 96 21.43 2.65 -17.49
N MET B 97 20.16 2.85 -17.79
CA MET B 97 19.40 1.97 -18.68
C MET B 97 18.12 2.64 -19.15
N ILE B 98 17.66 2.25 -20.33
CA ILE B 98 16.35 2.64 -20.81
C ILE B 98 15.53 1.36 -20.83
N ARG B 99 14.23 1.46 -20.54
CA ARG B 99 13.39 0.28 -20.35
C ARG B 99 11.95 0.62 -20.64
N ASP B 100 11.14 -0.43 -20.84
CA ASP B 100 9.70 -0.25 -20.93
C ASP B 100 9.18 0.30 -19.60
N SER B 101 8.12 1.10 -19.66
CA SER B 101 7.52 1.69 -18.46
C SER B 101 6.38 0.80 -17.97
N GLU B 102 6.39 0.46 -16.68
CA GLU B 102 5.29 -0.30 -16.08
C GLU B 102 3.98 0.49 -16.18
N THR B 103 4.04 1.73 -15.70
CA THR B 103 2.87 2.56 -15.46
C THR B 103 2.50 3.50 -16.61
N THR B 104 3.32 3.51 -17.66
CA THR B 104 3.04 4.29 -18.86
C THR B 104 3.20 3.41 -20.10
N LYS B 105 2.25 2.50 -20.29
CA LYS B 105 2.31 1.48 -21.35
C LYS B 105 2.58 2.04 -22.75
N GLY B 106 3.38 1.31 -23.52
CA GLY B 106 3.74 1.76 -24.85
C GLY B 106 4.86 2.79 -24.83
N SER B 107 5.28 3.18 -23.62
CA SER B 107 6.32 4.19 -23.49
C SER B 107 7.55 3.68 -22.72
N TYR B 108 8.52 4.56 -22.50
CA TYR B 108 9.81 4.14 -21.95
C TYR B 108 10.23 5.01 -20.76
N SER B 109 11.19 4.54 -19.97
CA SER B 109 11.68 5.26 -18.81
C SER B 109 13.19 5.11 -18.72
N LEU B 110 13.85 6.08 -18.09
CA LEU B 110 15.31 6.06 -17.92
C LEU B 110 15.70 5.93 -16.45
N SER B 111 16.47 4.90 -16.13
CA SER B 111 16.91 4.68 -14.76
C SER B 111 18.41 4.96 -14.65
N VAL B 112 18.79 5.82 -13.71
CA VAL B 112 20.19 6.24 -13.58
C VAL B 112 20.74 5.97 -12.19
N ARG B 113 21.99 5.49 -12.11
CA ARG B 113 22.60 5.28 -10.80
C ARG B 113 23.14 6.57 -10.21
N ASP B 114 22.99 6.72 -8.90
CA ASP B 114 23.30 7.96 -8.20
C ASP B 114 23.95 7.62 -6.86
N TYR B 115 24.40 8.66 -6.15
CA TYR B 115 24.87 8.50 -4.78
C TYR B 115 24.37 9.66 -3.93
N ASP B 116 24.04 9.36 -2.67
CA ASP B 116 23.68 10.37 -1.70
C ASP B 116 24.27 9.96 -0.35
N PRO B 117 24.66 10.95 0.47
CA PRO B 117 25.35 10.70 1.74
C PRO B 117 24.64 9.81 2.79
N ARG B 118 23.31 9.81 2.86
CA ARG B 118 22.63 9.10 3.96
C ARG B 118 22.18 7.65 3.67
N GLN B 119 21.63 7.40 2.48
CA GLN B 119 21.33 6.03 2.09
C GLN B 119 22.55 5.38 1.44
N GLY B 120 23.23 6.15 0.61
CA GLY B 120 24.38 5.65 -0.12
C GLY B 120 24.13 5.68 -1.62
N ASP B 121 24.53 4.60 -2.30
CA ASP B 121 24.21 4.48 -3.72
C ASP B 121 22.71 4.24 -3.91
N THR B 122 22.14 4.87 -4.94
CA THR B 122 20.71 4.82 -5.21
C THR B 122 20.43 4.75 -6.71
N VAL B 123 19.17 4.52 -7.06
CA VAL B 123 18.76 4.54 -8.45
C VAL B 123 17.58 5.49 -8.56
N LYS B 124 17.63 6.37 -9.56
CA LYS B 124 16.57 7.33 -9.77
C LYS B 124 15.92 7.07 -11.11
N HIS B 125 14.63 7.39 -11.20
CA HIS B 125 13.88 7.11 -12.41
C HIS B 125 13.27 8.38 -13.01
N TYR B 126 13.53 8.58 -14.30
CA TYR B 126 12.97 9.71 -15.03
C TYR B 126 12.08 9.15 -16.12
N LYS B 127 10.88 9.68 -16.25
CA LYS B 127 9.97 9.26 -17.30
C LYS B 127 10.45 9.80 -18.65
N ILE B 128 10.10 9.11 -19.72
CA ILE B 128 10.43 9.59 -21.07
C ILE B 128 9.16 9.94 -21.82
N ARG B 129 9.08 11.18 -22.28
CA ARG B 129 7.89 11.66 -22.97
C ARG B 129 8.02 11.41 -24.46
N THR B 130 7.12 10.60 -24.99
CA THR B 130 7.12 10.27 -26.41
C THR B 130 6.40 11.37 -27.20
N LEU B 131 5.43 10.97 -28.00
CA LEU B 131 4.63 11.87 -28.81
C LEU B 131 3.53 11.09 -29.53
N ASP B 132 2.66 11.81 -30.23
CA ASP B 132 1.79 11.20 -31.23
C ASP B 132 2.51 11.33 -32.57
N ASN B 133 3.74 11.82 -32.49
CA ASN B 133 4.57 12.11 -33.67
C ASN B 133 5.65 11.05 -33.87
N GLY B 134 6.59 10.96 -32.92
CA GLY B 134 7.68 10.00 -32.98
C GLY B 134 8.97 10.51 -32.36
N GLY B 135 8.85 11.53 -31.51
CA GLY B 135 10.00 12.15 -30.88
C GLY B 135 10.03 12.00 -29.38
N PHE B 136 11.21 12.22 -28.78
CA PHE B 136 11.40 11.98 -27.34
C PHE B 136 12.07 13.15 -26.60
N TYR B 137 11.62 13.36 -25.36
CA TYR B 137 12.18 14.36 -24.46
C TYR B 137 11.87 14.01 -23.01
N ILE B 138 12.68 14.52 -22.08
CA ILE B 138 12.33 14.49 -20.66
C ILE B 138 11.72 15.85 -20.30
N SER B 139 12.53 16.90 -20.42
CA SER B 139 12.05 18.28 -20.36
C SER B 139 11.98 18.85 -21.77
N PRO B 140 10.90 19.60 -22.09
CA PRO B 140 10.68 20.12 -23.44
C PRO B 140 11.76 21.08 -23.94
N ARG B 141 12.71 21.43 -23.07
CA ARG B 141 13.82 22.31 -23.44
C ARG B 141 14.91 21.54 -24.18
N SER B 142 14.66 20.26 -24.45
CA SER B 142 15.58 19.41 -25.20
C SER B 142 14.81 18.35 -25.98
N THR B 143 14.83 18.46 -27.31
CA THR B 143 14.17 17.47 -28.16
C THR B 143 15.19 16.53 -28.79
N PHE B 144 14.78 15.29 -29.02
CA PHE B 144 15.62 14.30 -29.69
C PHE B 144 14.75 13.41 -30.58
N SER B 145 15.23 13.14 -31.79
CA SER B 145 14.51 12.28 -32.73
C SER B 145 14.62 10.80 -32.35
N THR B 146 15.73 10.45 -31.69
CA THR B 146 15.96 9.10 -31.19
C THR B 146 16.57 9.04 -29.79
N LEU B 147 16.53 7.85 -29.20
CA LEU B 147 17.04 7.62 -27.86
C LEU B 147 18.57 7.65 -27.85
N GLN B 148 19.19 7.12 -28.91
CA GLN B 148 20.64 7.21 -29.12
C GLN B 148 21.06 8.68 -29.10
N GLU B 149 20.31 9.49 -29.84
CA GLU B 149 20.47 10.94 -29.81
C GLU B 149 20.22 11.43 -28.38
N LEU B 150 19.08 11.01 -27.82
CA LEU B 150 18.70 11.32 -26.45
C LEU B 150 19.78 10.91 -25.43
N VAL B 151 20.27 9.67 -25.52
CA VAL B 151 21.33 9.18 -24.63
C VAL B 151 22.59 10.03 -24.67
N ASP B 152 23.16 10.16 -25.86
CA ASP B 152 24.43 10.86 -26.06
C ASP B 152 24.47 12.26 -25.43
N HIS B 153 23.36 13.00 -25.52
CA HIS B 153 23.32 14.33 -24.92
C HIS B 153 23.54 14.30 -23.41
N TYR B 154 23.00 13.27 -22.76
CA TYR B 154 23.15 13.15 -21.32
C TYR B 154 24.48 12.52 -20.92
N LYS B 155 25.05 11.71 -21.81
CA LYS B 155 26.43 11.28 -21.64
C LYS B 155 27.35 12.48 -21.88
N LYS B 156 27.00 13.33 -22.84
CA LYS B 156 27.68 14.61 -23.05
C LYS B 156 27.64 15.45 -21.78
N GLY B 157 26.49 16.08 -21.55
CA GLY B 157 26.35 16.98 -20.42
C GLY B 157 25.23 16.63 -19.46
N ASN B 158 25.49 16.85 -18.17
CA ASN B 158 24.48 16.70 -17.13
C ASN B 158 23.39 17.77 -17.27
N ASP B 159 22.42 17.51 -18.16
CA ASP B 159 21.40 18.51 -18.47
C ASP B 159 20.25 18.49 -17.47
N GLY B 160 20.57 18.52 -16.19
CA GLY B 160 19.57 18.62 -15.14
C GLY B 160 19.36 17.36 -14.32
N LEU B 161 19.71 16.21 -14.88
CA LEU B 161 19.54 14.93 -14.18
C LEU B 161 20.48 14.84 -12.99
N CYS B 162 20.38 13.76 -12.23
CA CYS B 162 21.15 13.61 -11.00
C CYS B 162 22.65 13.37 -11.22
N GLN B 163 23.02 12.79 -12.37
CA GLN B 163 24.41 12.40 -12.58
C GLN B 163 24.79 12.38 -14.07
N LYS B 164 26.08 12.30 -14.36
CA LYS B 164 26.55 12.20 -15.74
C LYS B 164 26.49 10.75 -16.23
N LEU B 165 25.78 10.53 -17.35
CA LEU B 165 25.63 9.19 -17.91
C LEU B 165 26.96 8.50 -18.22
N SER B 166 27.33 7.55 -17.37
CA SER B 166 28.52 6.73 -17.61
C SER B 166 28.27 5.72 -18.72
N VAL B 167 28.22 4.45 -18.33
CA VAL B 167 28.08 3.34 -19.25
C VAL B 167 26.78 2.58 -18.98
N PRO B 168 26.27 1.85 -20.00
CA PRO B 168 25.07 1.03 -19.78
C PRO B 168 25.19 0.07 -18.59
N CYS B 169 24.04 -0.37 -18.07
CA CYS B 169 24.00 -1.30 -16.93
C CYS B 169 24.61 -2.63 -17.35
N MET B 170 25.29 -3.30 -16.42
CA MET B 170 25.85 -4.62 -16.69
C MET B 170 24.73 -5.60 -17.04
N SER B 171 24.87 -6.28 -18.18
CA SER B 171 23.90 -7.30 -18.57
C SER B 171 24.40 -8.71 -18.23
N SER B 172 23.51 -9.53 -17.69
CA SER B 172 23.83 -10.93 -17.41
C SER B 172 23.31 -11.81 -18.55
N LYS B 173 24.07 -12.85 -18.89
CA LYS B 173 23.62 -13.79 -19.91
C LYS B 173 22.54 -14.69 -19.32
N PRO B 174 21.39 -14.79 -19.99
CA PRO B 174 20.25 -15.55 -19.47
C PRO B 174 20.54 -17.05 -19.38
N GLN B 175 19.71 -17.77 -18.63
CA GLN B 175 19.82 -19.22 -18.57
C GLN B 175 19.48 -19.85 -19.92
N LYS B 176 20.27 -20.84 -20.32
CA LYS B 176 19.94 -21.68 -21.47
C LYS B 176 18.59 -22.38 -21.24
N PRO B 177 17.79 -22.54 -22.29
CA PRO B 177 16.53 -23.28 -22.12
C PRO B 177 16.79 -24.79 -21.98
N TRP B 178 15.92 -25.51 -21.29
CA TRP B 178 16.07 -26.97 -21.15
C TRP B 178 15.97 -27.64 -22.52
N GLU B 179 16.61 -28.79 -22.68
CA GLU B 179 16.52 -29.60 -23.91
C GLU B 179 15.06 -29.75 -24.35
N LYS B 180 14.82 -29.68 -25.65
CA LYS B 180 13.46 -29.80 -26.16
C LYS B 180 12.94 -31.23 -26.01
N ASP B 181 11.66 -31.35 -25.68
CA ASP B 181 11.00 -32.65 -25.52
C ASP B 181 11.74 -33.57 -24.56
N ALA B 182 12.21 -32.99 -23.46
CA ALA B 182 12.87 -33.75 -22.40
C ALA B 182 12.22 -33.46 -21.05
N TRP B 183 10.90 -33.63 -21.00
CA TRP B 183 10.14 -33.47 -19.76
C TRP B 183 10.27 -34.70 -18.87
N GLU B 184 10.05 -35.88 -19.47
CA GLU B 184 10.28 -37.14 -18.80
C GLU B 184 11.57 -37.76 -19.34
N ILE B 185 12.60 -37.81 -18.49
CA ILE B 185 13.90 -38.33 -18.88
C ILE B 185 14.15 -39.73 -18.28
N PRO B 186 15.01 -40.52 -18.94
CA PRO B 186 15.44 -41.80 -18.38
C PRO B 186 16.51 -41.58 -17.31
N ARG B 187 16.50 -42.36 -16.22
CA ARG B 187 17.44 -42.16 -15.13
C ARG B 187 18.91 -42.17 -15.58
N GLU B 188 19.19 -42.92 -16.64
CA GLU B 188 20.55 -43.06 -17.18
C GLU B 188 21.17 -41.74 -17.63
N SER B 189 20.32 -40.76 -17.91
CA SER B 189 20.78 -39.44 -18.33
C SER B 189 21.40 -38.62 -17.19
N LEU B 190 21.22 -39.09 -15.94
CA LEU B 190 21.68 -38.36 -14.76
C LEU B 190 22.93 -38.95 -14.12
N LYS B 191 23.70 -38.10 -13.45
CA LYS B 191 24.78 -38.55 -12.56
C LYS B 191 24.73 -37.75 -11.26
N LEU B 192 24.19 -38.36 -10.21
CA LEU B 192 24.07 -37.68 -8.92
C LEU B 192 25.44 -37.70 -8.21
N GLU B 193 26.08 -36.54 -8.12
CA GLU B 193 27.50 -36.47 -7.80
C GLU B 193 27.86 -36.16 -6.35
N LYS B 194 27.01 -35.40 -5.66
CA LYS B 194 27.25 -35.03 -4.26
C LYS B 194 25.96 -34.79 -3.50
N LYS B 195 25.78 -35.52 -2.40
CA LYS B 195 24.57 -35.38 -1.61
C LYS B 195 24.65 -34.09 -0.82
N LEU B 196 23.64 -33.23 -1.01
CA LEU B 196 23.60 -31.90 -0.41
C LEU B 196 22.75 -31.93 0.85
N GLY B 197 21.71 -32.74 0.84
CA GLY B 197 20.82 -32.87 1.98
C GLY B 197 20.17 -34.23 2.05
N ALA B 198 19.87 -34.68 3.26
CA ALA B 198 19.17 -35.94 3.48
C ALA B 198 18.07 -35.73 4.52
N GLY B 199 16.90 -36.32 4.29
CA GLY B 199 15.78 -36.12 5.19
C GLY B 199 14.83 -37.30 5.32
N GLN B 200 13.64 -37.02 5.85
CA GLN B 200 12.65 -38.06 6.13
C GLN B 200 12.08 -38.69 4.86
N PHE B 201 11.92 -37.90 3.81
CA PHE B 201 11.24 -38.37 2.60
C PHE B 201 12.16 -38.56 1.40
N GLY B 202 13.44 -38.28 1.57
CA GLY B 202 14.40 -38.50 0.51
C GLY B 202 15.62 -37.61 0.59
N GLU B 203 16.33 -37.47 -0.52
CA GLU B 203 17.60 -36.75 -0.54
C GLU B 203 17.64 -35.61 -1.57
N VAL B 204 18.63 -34.73 -1.44
CA VAL B 204 18.88 -33.72 -2.46
C VAL B 204 20.33 -33.88 -2.91
N TRP B 205 20.52 -34.00 -4.23
CA TRP B 205 21.86 -34.19 -4.78
C TRP B 205 22.20 -33.07 -5.75
N MET B 206 23.48 -32.74 -5.83
CA MET B 206 24.00 -31.98 -6.95
C MET B 206 24.32 -33.01 -8.03
N ALA B 207 23.84 -32.77 -9.26
CA ALA B 207 23.97 -33.75 -10.34
C ALA B 207 24.35 -33.13 -11.69
N THR B 208 24.58 -33.99 -12.68
CA THR B 208 24.80 -33.57 -14.07
C THR B 208 23.87 -34.31 -15.01
N TYR B 209 23.25 -33.57 -15.95
CA TYR B 209 22.35 -34.14 -16.95
C TYR B 209 23.04 -34.18 -18.32
N ASN B 210 23.07 -35.38 -18.90
CA ASN B 210 23.75 -35.66 -20.16
C ASN B 210 25.10 -34.95 -20.35
N LYS B 211 25.91 -34.93 -19.29
CA LYS B 211 27.30 -34.43 -19.33
C LYS B 211 27.49 -32.97 -19.75
N HIS B 212 26.42 -32.18 -19.83
CA HIS B 212 26.56 -30.77 -20.21
C HIS B 212 25.93 -29.78 -19.22
N THR B 213 24.85 -30.18 -18.56
CA THR B 213 24.09 -29.27 -17.72
C THR B 213 24.09 -29.64 -16.23
N LYS B 214 24.57 -28.72 -15.39
CA LYS B 214 24.49 -28.86 -13.94
C LYS B 214 23.04 -28.70 -13.48
N VAL B 215 22.59 -29.58 -12.59
CA VAL B 215 21.21 -29.56 -12.10
C VAL B 215 21.16 -29.99 -10.62
N ALA B 216 20.01 -29.82 -9.99
CA ALA B 216 19.78 -30.40 -8.66
C ALA B 216 18.73 -31.51 -8.76
N VAL B 217 18.93 -32.60 -8.01
CA VAL B 217 17.98 -33.72 -8.05
C VAL B 217 17.43 -34.03 -6.66
N LYS B 218 16.12 -34.23 -6.58
CA LYS B 218 15.44 -34.59 -5.34
C LYS B 218 14.88 -36.01 -5.46
N THR B 219 15.43 -36.93 -4.67
CA THR B 219 15.05 -38.34 -4.74
C THR B 219 13.95 -38.63 -3.71
N MET B 220 12.75 -38.90 -4.19
CA MET B 220 11.63 -39.19 -3.28
C MET B 220 11.54 -40.68 -2.92
N LYS B 221 11.68 -40.99 -1.64
CA LYS B 221 11.59 -42.37 -1.15
C LYS B 221 10.22 -42.97 -1.47
N PRO B 222 10.21 -44.18 -2.04
CA PRO B 222 8.97 -44.86 -2.45
C PRO B 222 8.00 -45.05 -1.29
N GLY B 223 7.39 -43.96 -0.81
CA GLY B 223 6.32 -44.07 0.15
C GLY B 223 5.07 -44.45 -0.63
N SER B 224 3.90 -44.21 -0.06
CA SER B 224 2.66 -44.45 -0.80
C SER B 224 2.35 -43.26 -1.71
N MET B 225 3.34 -42.37 -1.88
CA MET B 225 3.22 -41.24 -2.79
C MET B 225 2.71 -41.71 -4.13
N SER B 226 1.41 -41.66 -4.31
CA SER B 226 0.73 -42.07 -5.54
C SER B 226 1.47 -41.50 -6.75
N VAL B 227 2.09 -42.40 -7.53
CA VAL B 227 2.92 -42.01 -8.66
C VAL B 227 2.14 -41.19 -9.68
N GLU B 228 0.95 -41.67 -10.02
CA GLU B 228 0.08 -40.97 -10.97
C GLU B 228 -0.40 -39.63 -10.44
N ALA B 229 -0.60 -39.55 -9.12
CA ALA B 229 -1.03 -38.31 -8.48
C ALA B 229 0.09 -37.27 -8.51
N PHE B 230 1.28 -37.67 -8.06
CA PHE B 230 2.45 -36.81 -8.13
C PHE B 230 2.68 -36.31 -9.54
N LEU B 231 2.66 -37.23 -10.50
CA LEU B 231 2.97 -36.92 -11.90
C LEU B 231 2.02 -35.86 -12.45
N ALA B 232 0.77 -35.89 -12.03
CA ALA B 232 -0.21 -34.92 -12.47
C ALA B 232 -0.07 -33.60 -11.71
N GLU B 233 0.46 -33.65 -10.49
CA GLU B 233 0.74 -32.44 -9.73
C GLU B 233 1.94 -31.70 -10.34
N ALA B 234 2.91 -32.49 -10.81
CA ALA B 234 4.09 -31.93 -11.46
C ALA B 234 3.75 -31.18 -12.75
N ASN B 235 2.71 -31.63 -13.46
CA ASN B 235 2.29 -30.96 -14.69
C ASN B 235 1.61 -29.61 -14.45
N VAL B 236 1.08 -29.40 -13.26
CA VAL B 236 0.59 -28.08 -12.86
C VAL B 236 1.77 -27.23 -12.39
N MET B 237 2.59 -27.81 -11.52
CA MET B 237 3.81 -27.17 -11.01
C MET B 237 4.74 -26.67 -12.13
N LYS B 238 4.79 -27.43 -13.22
CA LYS B 238 5.61 -27.08 -14.38
C LYS B 238 5.18 -25.75 -15.02
N THR B 239 3.90 -25.41 -14.86
CA THR B 239 3.34 -24.17 -15.44
C THR B 239 3.59 -22.92 -14.60
N LEU B 240 3.86 -23.10 -13.30
CA LEU B 240 4.11 -21.97 -12.41
C LEU B 240 5.51 -21.40 -12.60
N GLN B 241 5.71 -20.64 -13.67
CA GLN B 241 7.03 -20.12 -13.99
C GLN B 241 7.13 -18.63 -13.69
N HIS B 242 8.18 -18.27 -12.96
CA HIS B 242 8.36 -16.89 -12.51
C HIS B 242 9.80 -16.74 -12.05
N ASP B 243 10.39 -15.55 -12.27
CA ASP B 243 11.79 -15.32 -11.91
C ASP B 243 12.09 -15.63 -10.43
N LYS B 244 11.06 -15.63 -9.60
CA LYS B 244 11.23 -15.85 -8.16
C LYS B 244 10.75 -17.22 -7.67
N LEU B 245 10.51 -18.16 -8.59
CA LEU B 245 10.30 -19.57 -8.22
C LEU B 245 11.40 -20.43 -8.84
N VAL B 246 11.87 -21.45 -8.10
CA VAL B 246 12.85 -22.39 -8.65
C VAL B 246 12.32 -23.01 -9.95
N LYS B 247 13.17 -23.13 -10.96
CA LYS B 247 12.75 -23.69 -12.25
C LYS B 247 12.69 -25.23 -12.25
N LEU B 248 11.49 -25.80 -12.38
CA LEU B 248 11.34 -27.25 -12.57
C LEU B 248 11.63 -27.66 -14.02
N HIS B 249 12.63 -28.51 -14.22
CA HIS B 249 12.99 -28.98 -15.57
C HIS B 249 12.36 -30.32 -15.99
N ALA B 250 12.57 -31.36 -15.18
CA ALA B 250 12.25 -32.72 -15.62
C ALA B 250 11.87 -33.65 -14.47
N VAL B 251 11.46 -34.85 -14.86
CA VAL B 251 10.95 -35.84 -13.92
C VAL B 251 11.30 -37.26 -14.40
N VAL B 252 11.75 -38.12 -13.47
CA VAL B 252 11.90 -39.55 -13.76
C VAL B 252 10.70 -40.29 -13.13
N THR B 253 9.83 -40.84 -13.96
CA THR B 253 8.54 -41.39 -13.51
C THR B 253 8.64 -42.77 -12.82
N LYS B 254 9.73 -43.49 -13.09
CA LYS B 254 9.96 -44.80 -12.49
C LYS B 254 10.46 -44.72 -11.03
N GLU B 255 9.68 -45.27 -10.10
CA GLU B 255 10.06 -45.31 -8.69
C GLU B 255 11.45 -45.92 -8.49
N PRO B 256 12.26 -45.31 -7.61
CA PRO B 256 11.94 -44.11 -6.84
C PRO B 256 11.97 -42.83 -7.69
N ILE B 257 10.95 -41.99 -7.53
CA ILE B 257 10.78 -40.77 -8.34
C ILE B 257 11.92 -39.74 -8.18
N TYR B 258 12.46 -39.27 -9.30
CA TYR B 258 13.44 -38.17 -9.28
C TYR B 258 12.85 -36.85 -9.79
N ILE B 259 13.19 -35.75 -9.12
CA ILE B 259 12.76 -34.39 -9.53
C ILE B 259 13.99 -33.56 -9.92
N ILE B 260 13.94 -32.92 -11.08
CA ILE B 260 15.09 -32.16 -11.55
C ILE B 260 14.73 -30.68 -11.67
N THR B 261 15.44 -29.84 -10.92
CA THR B 261 15.28 -28.39 -10.96
C THR B 261 16.63 -27.74 -11.28
N GLU B 262 16.61 -26.44 -11.51
CA GLU B 262 17.86 -25.68 -11.67
C GLU B 262 18.68 -25.75 -10.38
N PHE B 263 19.99 -25.60 -10.51
CA PHE B 263 20.88 -25.63 -9.36
C PHE B 263 21.18 -24.21 -8.84
N MET B 264 20.95 -24.00 -7.55
CA MET B 264 21.19 -22.69 -6.93
C MET B 264 22.46 -22.70 -6.09
N ALA B 265 23.44 -21.88 -6.49
CA ALA B 265 24.79 -21.95 -5.90
C ALA B 265 24.87 -21.79 -4.39
N LYS B 266 24.11 -20.86 -3.83
CA LYS B 266 24.16 -20.60 -2.39
C LYS B 266 23.24 -21.48 -1.54
N GLY B 267 22.58 -22.48 -2.14
CA GLY B 267 21.72 -23.36 -1.37
C GLY B 267 20.60 -22.67 -0.61
N SER B 268 20.34 -23.14 0.61
CA SER B 268 19.24 -22.63 1.43
C SER B 268 19.42 -21.17 1.90
N LEU B 269 18.30 -20.46 2.04
CA LEU B 269 18.32 -19.12 2.62
C LEU B 269 18.71 -19.24 4.09
N LEU B 270 18.16 -20.26 4.75
CA LEU B 270 18.50 -20.51 6.15
C LEU B 270 20.02 -20.63 6.35
N ASP B 271 20.66 -21.49 5.56
CA ASP B 271 22.10 -21.68 5.65
C ASP B 271 22.89 -20.43 5.24
N PHE B 272 22.40 -19.70 4.24
CA PHE B 272 23.10 -18.51 3.77
C PHE B 272 23.13 -17.42 4.84
N LEU B 273 22.00 -17.24 5.53
CA LEU B 273 21.90 -16.25 6.59
C LEU B 273 22.88 -16.53 7.74
N LYS B 274 23.25 -17.79 7.91
CA LYS B 274 24.13 -18.19 9.00
C LYS B 274 25.59 -18.35 8.56
N SER B 275 25.86 -18.14 7.29
CA SER B 275 27.24 -18.14 6.80
C SER B 275 27.95 -16.84 7.19
N ASP B 276 29.24 -16.74 6.86
CA ASP B 276 29.97 -15.50 7.10
C ASP B 276 29.42 -14.39 6.21
N GLU B 277 29.29 -14.67 4.92
CA GLU B 277 28.78 -13.69 3.95
C GLU B 277 27.36 -13.27 4.31
N GLY B 278 26.60 -14.17 4.92
CA GLY B 278 25.25 -13.87 5.32
C GLY B 278 25.22 -12.96 6.53
N SER B 279 26.13 -13.20 7.47
CA SER B 279 26.24 -12.37 8.67
C SER B 279 26.52 -10.91 8.34
N LYS B 280 27.06 -10.66 7.14
CA LYS B 280 27.48 -9.32 6.73
C LYS B 280 26.39 -8.52 6.00
N GLN B 281 25.31 -9.20 5.63
CA GLN B 281 24.22 -8.55 4.89
C GLN B 281 23.51 -7.52 5.76
N PRO B 282 23.55 -6.24 5.35
CA PRO B 282 22.88 -5.19 6.14
C PRO B 282 21.36 -5.27 6.03
N LEU B 283 20.66 -4.54 6.90
CA LEU B 283 19.20 -4.58 6.96
C LEU B 283 18.43 -4.33 5.63
N PRO B 284 18.77 -3.26 4.89
CA PRO B 284 18.08 -3.07 3.59
C PRO B 284 18.18 -4.25 2.63
N LYS B 285 19.26 -5.02 2.71
CA LYS B 285 19.46 -6.19 1.85
C LYS B 285 18.53 -7.33 2.28
N LEU B 286 18.39 -7.49 3.60
CA LEU B 286 17.48 -8.47 4.19
C LEU B 286 16.05 -8.14 3.83
N ILE B 287 15.75 -6.84 3.78
CA ILE B 287 14.43 -6.38 3.39
C ILE B 287 14.18 -6.67 1.91
N ASP B 288 15.22 -6.51 1.09
CA ASP B 288 15.15 -6.85 -0.33
C ASP B 288 14.82 -8.34 -0.57
N PHE B 289 15.45 -9.23 0.20
CA PHE B 289 15.16 -10.67 0.14
C PHE B 289 13.67 -10.91 0.36
N SER B 290 13.20 -10.43 1.50
CA SER B 290 11.79 -10.46 1.87
C SER B 290 10.87 -10.00 0.76
N ALA B 291 11.29 -8.92 0.08
CA ALA B 291 10.49 -8.39 -1.01
C ALA B 291 10.47 -9.34 -2.20
N GLN B 292 11.60 -9.99 -2.48
CA GLN B 292 11.66 -10.95 -3.58
C GLN B 292 10.73 -12.14 -3.31
N ILE B 293 10.79 -12.67 -2.09
CA ILE B 293 9.95 -13.79 -1.69
C ILE B 293 8.48 -13.41 -1.81
N ALA B 294 8.13 -12.21 -1.36
CA ALA B 294 6.77 -11.68 -1.51
C ALA B 294 6.34 -11.59 -2.98
N GLU B 295 7.26 -11.15 -3.85
CA GLU B 295 7.00 -11.16 -5.29
C GLU B 295 6.60 -12.57 -5.74
N GLY B 296 7.35 -13.59 -5.30
CA GLY B 296 7.04 -14.97 -5.65
C GLY B 296 5.70 -15.46 -5.12
N MET B 297 5.44 -15.19 -3.85
CA MET B 297 4.17 -15.56 -3.21
C MET B 297 2.97 -14.82 -3.81
N ALA B 298 3.19 -13.58 -4.21
CA ALA B 298 2.16 -12.80 -4.91
C ALA B 298 1.75 -13.54 -6.18
N PHE B 299 2.75 -14.07 -6.89
CA PHE B 299 2.54 -14.82 -8.12
C PHE B 299 1.71 -16.09 -7.86
N ILE B 300 2.09 -16.84 -6.83
CA ILE B 300 1.36 -18.06 -6.42
C ILE B 300 -0.08 -17.71 -6.06
N GLU B 301 -0.24 -16.59 -5.36
CA GLU B 301 -1.54 -16.05 -4.97
C GLU B 301 -2.41 -15.73 -6.19
N GLN B 302 -1.82 -15.14 -7.21
CA GLN B 302 -2.59 -14.77 -8.41
C GLN B 302 -2.99 -16.02 -9.20
N ARG B 303 -2.17 -17.06 -9.12
CA ARG B 303 -2.43 -18.30 -9.83
C ARG B 303 -3.34 -19.25 -9.03
N ASN B 304 -3.82 -18.78 -7.89
CA ASN B 304 -4.67 -19.61 -7.01
C ASN B 304 -4.01 -20.93 -6.60
N TYR B 305 -2.73 -20.87 -6.25
CA TYR B 305 -2.01 -22.04 -5.75
C TYR B 305 -1.82 -21.87 -4.24
N ILE B 306 -1.40 -22.93 -3.56
CA ILE B 306 -1.06 -22.85 -2.13
C ILE B 306 0.33 -23.45 -1.93
N HIS B 307 1.12 -22.86 -1.03
CA HIS B 307 2.47 -23.37 -0.78
C HIS B 307 2.51 -24.45 0.31
N ARG B 308 1.91 -24.16 1.47
CA ARG B 308 1.79 -25.09 2.60
C ARG B 308 3.03 -25.26 3.50
N ASP B 309 4.22 -24.92 3.00
CA ASP B 309 5.41 -25.03 3.84
C ASP B 309 6.44 -23.90 3.65
N LEU B 310 6.01 -22.67 3.85
CA LEU B 310 6.89 -21.51 3.71
C LEU B 310 7.83 -21.36 4.92
N ARG B 311 9.14 -21.37 4.66
CA ARG B 311 10.17 -21.12 5.67
C ARG B 311 11.53 -20.90 4.99
N ALA B 312 12.51 -20.37 5.72
CA ALA B 312 13.83 -20.09 5.13
C ALA B 312 14.48 -21.33 4.51
N ALA B 313 14.15 -22.50 5.07
CA ALA B 313 14.69 -23.77 4.57
C ALA B 313 14.18 -24.09 3.16
N ASN B 314 13.06 -23.48 2.76
CA ASN B 314 12.47 -23.73 1.46
C ASN B 314 12.59 -22.55 0.48
N ILE B 315 13.49 -21.63 0.80
CA ILE B 315 13.91 -20.57 -0.13
C ILE B 315 15.35 -20.89 -0.58
N LEU B 316 15.64 -20.77 -1.88
CA LEU B 316 17.01 -20.96 -2.36
C LEU B 316 17.62 -19.62 -2.79
N VAL B 317 18.95 -19.55 -2.85
CA VAL B 317 19.67 -18.33 -3.18
C VAL B 317 20.64 -18.58 -4.34
N SER B 318 20.55 -17.76 -5.39
CA SER B 318 21.50 -17.84 -6.52
C SER B 318 22.85 -17.26 -6.11
N ALA B 319 23.83 -17.39 -6.99
CA ALA B 319 25.13 -16.73 -6.79
C ALA B 319 24.99 -15.20 -6.84
N SER B 320 23.99 -14.72 -7.59
CA SER B 320 23.71 -13.30 -7.70
C SER B 320 22.85 -12.78 -6.55
N LEU B 321 22.61 -13.62 -5.55
CA LEU B 321 21.74 -13.29 -4.42
C LEU B 321 20.26 -13.04 -4.79
N VAL B 322 19.78 -13.72 -5.84
CA VAL B 322 18.35 -13.78 -6.14
C VAL B 322 17.71 -14.92 -5.35
N CYS B 323 16.60 -14.66 -4.68
CA CYS B 323 15.89 -15.69 -3.91
C CYS B 323 14.83 -16.38 -4.75
N LYS B 324 14.75 -17.71 -4.65
CA LYS B 324 13.71 -18.47 -5.35
C LYS B 324 12.98 -19.43 -4.40
N ILE B 325 11.65 -19.44 -4.51
CA ILE B 325 10.83 -20.27 -3.65
C ILE B 325 10.88 -21.73 -4.12
N ALA B 326 11.20 -22.65 -3.22
CA ALA B 326 11.27 -24.07 -3.56
C ALA B 326 10.21 -24.88 -2.78
N ASP B 327 9.98 -26.13 -3.22
CA ASP B 327 9.04 -27.05 -2.55
C ASP B 327 7.58 -26.59 -2.48
N PHE B 328 7.16 -25.71 -3.38
CA PHE B 328 5.78 -25.24 -3.39
C PHE B 328 4.77 -26.35 -3.73
N GLY B 329 3.75 -26.51 -2.89
CA GLY B 329 2.69 -27.48 -3.12
C GLY B 329 3.13 -28.94 -3.10
N LEU B 330 4.11 -29.25 -2.25
CA LEU B 330 4.63 -30.61 -2.20
C LEU B 330 4.13 -31.35 -0.96
N ALA B 331 3.85 -30.60 0.11
CA ALA B 331 3.30 -31.19 1.33
C ALA B 331 1.96 -31.87 1.10
N ARG B 332 1.25 -31.43 0.07
CA ARG B 332 -0.04 -32.02 -0.29
C ARG B 332 0.09 -33.47 -0.76
N VAL B 333 0.95 -33.69 -1.76
CA VAL B 333 1.11 -35.02 -2.37
C VAL B 333 1.75 -36.07 -1.46
N ILE B 334 2.16 -35.67 -0.26
CA ILE B 334 2.74 -36.60 0.72
C ILE B 334 1.70 -37.13 1.70
N PHE B 347 5.18 -31.46 11.35
CA PHE B 347 6.45 -31.21 12.03
C PHE B 347 6.72 -29.70 12.25
N PRO B 348 6.78 -28.90 11.16
CA PRO B 348 7.23 -27.51 11.39
C PRO B 348 6.09 -26.60 11.83
N ILE B 349 5.40 -26.97 12.91
CA ILE B 349 4.24 -26.20 13.38
C ILE B 349 4.61 -24.82 13.92
N LYS B 350 5.90 -24.59 14.16
CA LYS B 350 6.38 -23.27 14.58
C LYS B 350 6.20 -22.25 13.46
N TRP B 351 6.06 -22.75 12.23
CA TRP B 351 5.78 -21.91 11.06
C TRP B 351 4.31 -21.95 10.64
N THR B 352 3.52 -22.75 11.35
CA THR B 352 2.17 -23.07 10.87
C THR B 352 1.07 -22.25 11.55
N ALA B 353 0.16 -21.71 10.74
CA ALA B 353 -1.03 -21.00 11.24
C ALA B 353 -1.88 -21.92 12.11
N PRO B 354 -2.55 -21.35 13.13
CA PRO B 354 -3.42 -22.09 14.07
C PRO B 354 -4.51 -22.92 13.40
N GLU B 355 -5.27 -22.34 12.47
CA GLU B 355 -6.34 -23.07 11.77
C GLU B 355 -5.80 -24.24 10.94
N ALA B 356 -4.49 -24.26 10.71
CA ALA B 356 -3.86 -25.36 10.00
C ALA B 356 -3.40 -26.47 10.96
N ILE B 357 -2.83 -26.07 12.10
CA ILE B 357 -2.47 -27.02 13.15
C ILE B 357 -3.70 -27.77 13.64
N ASN B 358 -4.71 -27.01 14.06
CA ASN B 358 -5.98 -27.56 14.53
C ASN B 358 -6.76 -28.28 13.43
N PHE B 359 -7.56 -27.51 12.69
CA PHE B 359 -8.52 -28.07 11.75
C PHE B 359 -7.94 -28.40 10.37
N GLY B 360 -6.61 -28.38 10.25
CA GLY B 360 -5.93 -28.69 9.00
C GLY B 360 -6.29 -27.78 7.83
N SER B 361 -6.67 -26.54 8.12
CA SER B 361 -7.05 -25.59 7.09
C SER B 361 -5.85 -24.91 6.45
N PHE B 362 -5.52 -25.30 5.22
CA PHE B 362 -4.45 -24.65 4.46
C PHE B 362 -5.01 -23.76 3.33
N THR B 363 -4.68 -22.48 3.41
CA THR B 363 -5.22 -21.46 2.50
C THR B 363 -4.05 -20.57 2.06
N ILE B 364 -4.31 -19.58 1.20
CA ILE B 364 -3.27 -18.60 0.87
C ILE B 364 -2.99 -17.73 2.11
N LYS B 365 -4.00 -17.62 2.98
CA LYS B 365 -3.88 -16.86 4.22
C LYS B 365 -3.01 -17.53 5.26
N SER B 366 -2.98 -18.86 5.27
CA SER B 366 -2.15 -19.57 6.25
C SER B 366 -0.67 -19.50 5.85
N ASP B 367 -0.42 -19.31 4.55
CA ASP B 367 0.92 -18.98 4.05
C ASP B 367 1.36 -17.59 4.53
N VAL B 368 0.44 -16.62 4.49
CA VAL B 368 0.70 -15.28 5.01
C VAL B 368 1.24 -15.34 6.45
N TRP B 369 0.57 -16.12 7.29
CA TRP B 369 1.06 -16.36 8.65
C TRP B 369 2.49 -16.91 8.58
N SER B 370 2.71 -17.87 7.69
CA SER B 370 4.04 -18.46 7.53
C SER B 370 5.07 -17.42 7.08
N PHE B 371 4.62 -16.48 6.25
CA PHE B 371 5.49 -15.40 5.78
C PHE B 371 6.01 -14.53 6.91
N GLY B 372 5.14 -14.13 7.82
CA GLY B 372 5.53 -13.35 8.99
C GLY B 372 6.62 -14.00 9.82
N ILE B 373 6.47 -15.30 10.08
CA ILE B 373 7.49 -16.06 10.79
C ILE B 373 8.81 -16.07 10.00
N LEU B 374 8.69 -16.26 8.69
CA LEU B 374 9.86 -16.25 7.81
C LEU B 374 10.56 -14.89 7.88
N LEU B 375 9.76 -13.83 7.80
CA LEU B 375 10.22 -12.46 7.98
C LEU B 375 11.07 -12.35 9.24
N MET B 376 10.61 -12.94 10.33
CA MET B 376 11.34 -12.92 11.60
C MET B 376 12.67 -13.68 11.49
N GLU B 377 12.62 -14.87 10.88
CA GLU B 377 13.84 -15.64 10.62
C GLU B 377 14.89 -14.82 9.92
N ILE B 378 14.45 -14.07 8.90
CA ILE B 378 15.36 -13.28 8.07
C ILE B 378 16.07 -12.17 8.86
N VAL B 379 15.32 -11.46 9.70
CA VAL B 379 15.87 -10.35 10.48
C VAL B 379 16.71 -10.83 11.67
N THR B 380 16.50 -12.09 12.07
CA THR B 380 17.32 -12.71 13.10
C THR B 380 18.42 -13.60 12.53
N TYR B 381 18.73 -13.39 11.25
CA TYR B 381 19.79 -14.13 10.55
C TYR B 381 19.71 -15.66 10.72
N GLY B 382 18.50 -16.20 10.74
CA GLY B 382 18.34 -17.64 10.75
C GLY B 382 18.00 -18.26 12.10
N ARG B 383 17.96 -17.45 13.15
CA ARG B 383 17.65 -17.95 14.49
C ARG B 383 16.31 -18.70 14.54
N ILE B 384 16.27 -19.81 15.26
CA ILE B 384 15.05 -20.59 15.44
C ILE B 384 13.97 -19.72 16.10
N PRO B 385 12.76 -19.71 15.52
CA PRO B 385 11.61 -18.98 16.06
C PRO B 385 11.17 -19.55 17.41
N TYR B 386 10.58 -18.74 18.28
CA TYR B 386 10.21 -19.15 19.64
C TYR B 386 11.32 -19.93 20.36
N PRO B 387 12.49 -19.31 20.58
CA PRO B 387 13.63 -20.05 21.13
C PRO B 387 13.44 -20.49 22.59
N GLY B 388 14.07 -21.60 22.97
CA GLY B 388 13.92 -22.17 24.30
C GLY B 388 12.56 -22.78 24.57
N MET B 389 11.69 -22.74 23.55
CA MET B 389 10.28 -23.00 23.71
C MET B 389 9.85 -24.19 22.85
N SER B 390 9.22 -25.19 23.48
CA SER B 390 8.81 -26.40 22.76
C SER B 390 7.54 -26.17 21.95
N ASN B 391 7.29 -27.08 21.00
CA ASN B 391 6.12 -27.02 20.13
C ASN B 391 4.77 -26.98 20.84
N PRO B 392 4.53 -27.90 21.81
CA PRO B 392 3.23 -27.84 22.50
C PRO B 392 3.14 -26.58 23.36
N GLU B 393 4.24 -26.19 23.99
CA GLU B 393 4.34 -24.94 24.75
C GLU B 393 3.93 -23.75 23.88
N VAL B 394 4.39 -23.78 22.62
CA VAL B 394 4.04 -22.76 21.64
C VAL B 394 2.52 -22.71 21.37
N ILE B 395 1.92 -23.88 21.16
CA ILE B 395 0.50 -23.97 20.83
C ILE B 395 -0.38 -23.38 21.94
N ARG B 396 0.00 -23.64 23.19
CA ARG B 396 -0.72 -23.12 24.35
C ARG B 396 -0.49 -21.62 24.56
N ALA B 397 0.50 -21.06 23.86
CA ALA B 397 0.81 -19.64 23.99
C ALA B 397 0.13 -18.80 22.93
N LEU B 398 -0.01 -19.36 21.72
CA LEU B 398 -0.72 -18.68 20.64
C LEU B 398 -2.17 -18.44 21.06
N GLU B 399 -2.71 -19.36 21.85
CA GLU B 399 -4.09 -19.25 22.29
C GLU B 399 -4.29 -18.07 23.25
N ARG B 400 -3.36 -17.93 24.20
CA ARG B 400 -3.39 -16.79 25.13
C ARG B 400 -3.29 -15.49 24.35
N GLY B 401 -2.55 -15.52 23.25
CA GLY B 401 -2.34 -14.35 22.42
C GLY B 401 -0.90 -13.91 22.47
N TYR B 402 0.00 -14.83 22.80
CA TYR B 402 1.43 -14.53 22.78
C TYR B 402 1.89 -14.32 21.35
N ARG B 403 2.79 -13.36 21.16
CA ARG B 403 3.47 -13.17 19.88
C ARG B 403 4.96 -12.94 20.18
N MET B 404 5.82 -13.41 19.27
CA MET B 404 7.25 -13.19 19.41
C MET B 404 7.50 -11.68 19.45
N PRO B 405 8.27 -11.22 20.44
CA PRO B 405 8.54 -9.79 20.60
C PRO B 405 9.41 -9.24 19.47
N ARG B 406 9.47 -7.92 19.31
CA ARG B 406 10.35 -7.32 18.31
C ARG B 406 11.81 -7.52 18.71
N PRO B 407 12.61 -8.12 17.82
CA PRO B 407 14.05 -8.25 18.07
C PRO B 407 14.74 -6.87 17.94
N GLU B 408 16.00 -6.76 18.34
CA GLU B 408 16.63 -5.44 18.49
C GLU B 408 16.85 -4.68 17.19
N ASN B 409 17.28 -5.39 16.15
CA ASN B 409 17.61 -4.78 14.87
C ASN B 409 16.41 -4.61 13.93
N CYS B 410 15.20 -4.87 14.43
CA CYS B 410 14.03 -4.84 13.58
C CYS B 410 13.29 -3.52 13.63
N PRO B 411 13.16 -2.83 12.49
CA PRO B 411 12.37 -1.60 12.43
C PRO B 411 10.92 -1.80 12.88
N GLU B 412 10.35 -0.78 13.53
CA GLU B 412 8.99 -0.83 14.04
C GLU B 412 7.96 -1.20 12.96
N GLU B 413 8.12 -0.61 11.78
CA GLU B 413 7.16 -0.83 10.70
C GLU B 413 7.26 -2.21 10.05
N LEU B 414 8.44 -2.81 10.09
CA LEU B 414 8.58 -4.18 9.62
C LEU B 414 7.88 -5.10 10.62
N TYR B 415 8.03 -4.80 11.91
CA TYR B 415 7.33 -5.54 12.95
C TYR B 415 5.81 -5.51 12.75
N ASN B 416 5.27 -4.33 12.42
CA ASN B 416 3.85 -4.19 12.14
C ASN B 416 3.34 -5.15 11.05
N ILE B 417 4.15 -5.34 10.00
CA ILE B 417 3.84 -6.30 8.93
C ILE B 417 3.69 -7.71 9.52
N MET B 418 4.68 -8.13 10.32
CA MET B 418 4.65 -9.44 10.97
C MET B 418 3.36 -9.67 11.75
N MET B 419 3.06 -8.72 12.65
CA MET B 419 1.86 -8.80 13.49
C MET B 419 0.59 -8.88 12.65
N ARG B 420 0.57 -8.20 11.51
CA ARG B 420 -0.56 -8.24 10.59
C ARG B 420 -0.64 -9.60 9.91
N CYS B 421 0.51 -10.25 9.73
CA CYS B 421 0.52 -11.61 9.23
C CYS B 421 0.03 -12.59 10.30
N TRP B 422 0.24 -12.22 11.56
CA TRP B 422 -0.08 -13.10 12.69
C TRP B 422 -1.40 -12.77 13.38
N LYS B 423 -2.47 -12.62 12.61
CA LYS B 423 -3.79 -12.39 13.22
C LYS B 423 -4.55 -13.71 13.33
N ASN B 424 -5.33 -13.86 14.40
CA ASN B 424 -6.15 -15.06 14.61
C ASN B 424 -7.06 -15.33 13.42
N ARG B 425 -7.79 -14.30 12.98
CA ARG B 425 -8.68 -14.44 11.85
C ARG B 425 -7.94 -14.27 10.53
N PRO B 426 -7.92 -15.33 9.71
CA PRO B 426 -7.23 -15.37 8.41
C PRO B 426 -7.64 -14.25 7.45
N GLU B 427 -8.90 -13.84 7.52
CA GLU B 427 -9.42 -12.78 6.66
C GLU B 427 -8.84 -11.40 7.01
N GLU B 428 -8.39 -11.26 8.26
CA GLU B 428 -7.75 -10.02 8.72
C GLU B 428 -6.32 -9.89 8.18
N ARG B 429 -5.76 -10.99 7.71
CA ARG B 429 -4.42 -11.00 7.13
C ARG B 429 -4.40 -10.38 5.72
N PRO B 430 -3.35 -9.60 5.43
CA PRO B 430 -3.19 -8.94 4.13
C PRO B 430 -2.85 -9.90 2.99
N THR B 431 -3.02 -9.45 1.74
CA THR B 431 -2.59 -10.21 0.57
C THR B 431 -1.08 -10.08 0.37
N PHE B 432 -0.52 -10.99 -0.42
CA PHE B 432 0.89 -10.90 -0.77
C PHE B 432 1.10 -9.75 -1.73
N GLU B 433 0.05 -9.44 -2.51
CA GLU B 433 0.07 -8.29 -3.42
C GLU B 433 0.37 -7.00 -2.65
N TYR B 434 -0.30 -6.83 -1.51
CA TYR B 434 -0.09 -5.65 -0.68
C TYR B 434 1.29 -5.70 -0.04
N ILE B 435 1.66 -6.86 0.51
CA ILE B 435 2.95 -7.03 1.17
C ILE B 435 4.12 -6.71 0.23
N GLN B 436 4.02 -7.18 -1.02
CA GLN B 436 5.08 -6.93 -1.99
C GLN B 436 5.21 -5.44 -2.27
N SER B 437 4.07 -4.78 -2.49
CA SER B 437 4.08 -3.34 -2.74
C SER B 437 4.72 -2.54 -1.60
N VAL B 438 4.55 -2.99 -0.35
CA VAL B 438 5.11 -2.28 0.81
C VAL B 438 6.62 -2.52 0.91
N LEU B 439 7.00 -3.80 0.85
CA LEU B 439 8.41 -4.14 1.00
C LEU B 439 9.24 -3.58 -0.14
N ASP B 440 8.68 -3.53 -1.35
CA ASP B 440 9.41 -3.04 -2.52
C ASP B 440 9.89 -1.58 -2.38
N ASP B 441 9.07 -0.74 -1.75
CA ASP B 441 9.36 0.68 -1.65
C ASP B 441 9.46 1.10 -0.18
N PHE B 442 9.99 0.20 0.65
CA PHE B 442 10.05 0.39 2.10
C PHE B 442 10.80 1.68 2.46
N TYR B 443 11.83 2.02 1.69
CA TYR B 443 12.62 3.23 1.93
C TYR B 443 12.31 4.38 0.98
N THR B 444 11.32 4.19 0.12
CA THR B 444 10.93 5.22 -0.84
C THR B 444 9.48 5.71 -0.62
N ALA B 445 9.31 6.99 -0.33
CA ALA B 445 7.98 7.61 -0.33
C ALA B 445 7.41 7.60 -1.76
N THR B 446 6.11 7.36 -1.87
CA THR B 446 5.43 7.30 -3.16
C THR B 446 5.80 8.46 -4.11
N GLU B 447 5.68 9.68 -3.62
CA GLU B 447 5.92 10.87 -4.45
C GLU B 447 7.34 10.91 -5.03
N SER B 448 8.26 10.19 -4.38
CA SER B 448 9.66 10.18 -4.78
C SER B 448 10.06 9.03 -5.73
N GLN B 449 9.08 8.21 -6.15
CA GLN B 449 9.36 7.09 -7.07
C GLN B 449 10.00 7.57 -8.38
N GLU B 451 10.97 11.18 -10.79
CA GLU B 451 11.51 12.50 -10.47
C GLU B 451 10.67 13.55 -11.16
N GLU B 452 10.67 14.76 -10.63
CA GLU B 452 10.01 15.89 -11.29
C GLU B 452 11.02 16.66 -12.15
N ILE B 453 10.55 17.20 -13.28
CA ILE B 453 11.43 17.98 -14.14
C ILE B 453 10.85 19.36 -14.50
N PRO B 454 11.71 20.39 -14.52
CA PRO B 454 11.35 21.76 -14.92
C PRO B 454 10.85 21.85 -16.37
#